data_1A0E
#
_entry.id   1A0E
#
_cell.length_a   161.790
_cell.length_b   121.870
_cell.length_c   98.860
_cell.angle_alpha   90.00
_cell.angle_beta   90.00
_cell.angle_gamma   90.00
#
_symmetry.space_group_name_H-M   'C 2 2 21'
#
loop_
_entity.id
_entity.type
_entity.pdbx_description
1 polymer 'XYLOSE ISOMERASE'
2 non-polymer 'COBALT (II) ION'
3 water water
#
_entity_poly.entity_id   1
_entity_poly.type   'polypeptide(L)'
_entity_poly.pdbx_seq_one_letter_code
;AEFFPEIPKVQFEGKESTNPLAFKFYDPEEIIDGKPLKDHLKFSVAFWHTFVNEGRDPFGDPTADRPWNRYTDPMDKAFA
RVDALFEFCEKLNIEYFCFHDRDIAPEGKTLRETNKILDKVVERIKERMKDSNVKLLWGTANLFSHPRYMHGAATTCSAD
VFAYAAAQVKKALEITKELGGEGYVFWGGREGYETLLNTDLGFELENLARFLRMAVDYAKRIGFTGQFLIEPKPKEPTKH
QYDFDVATAYAFLKSHGLDEYFKFNIEANHATLAGHTFQHELRMARILGKLGSIDANQGDLLLGWDTDQFPTNVYDTTLA
MYEVIKAGGFTKGGLNFDAKVRRASYKVEDLFIGHIAGMDTFALGFKVAYKLVKDGVLDKFIEEKYRSFREGIGRDIVEG
KVDFEKLEEYIIDKETIELPSGKQEYLESLINSYIVKTILELR
;
_entity_poly.pdbx_strand_id   A,D
#
loop_
_chem_comp.id
_chem_comp.type
_chem_comp.name
_chem_comp.formula
CO non-polymer 'COBALT (II) ION' 'Co 2'
#
# COMPACT_ATOMS: atom_id res chain seq x y z
N ALA A 1 -0.88 -12.78 -37.32
CA ALA A 1 -0.32 -11.45 -37.11
C ALA A 1 -1.11 -10.38 -37.86
N GLU A 2 -2.38 -10.65 -38.16
CA GLU A 2 -3.23 -9.70 -38.88
C GLU A 2 -3.51 -8.45 -38.05
N PHE A 3 -4.02 -8.63 -36.83
CA PHE A 3 -4.44 -7.51 -35.99
C PHE A 3 -3.28 -6.76 -35.35
N PHE A 4 -2.39 -7.50 -34.71
CA PHE A 4 -1.23 -6.91 -34.05
C PHE A 4 0.02 -7.42 -34.76
N PRO A 5 0.22 -7.02 -36.03
CA PRO A 5 1.39 -7.48 -36.80
C PRO A 5 2.74 -7.17 -36.15
N GLU A 6 2.84 -6.03 -35.48
CA GLU A 6 4.07 -5.61 -34.83
C GLU A 6 4.43 -6.35 -33.53
N ILE A 7 3.50 -7.16 -33.00
CA ILE A 7 3.75 -7.91 -31.78
C ILE A 7 3.94 -9.40 -32.08
N PRO A 8 5.09 -9.96 -31.67
CA PRO A 8 5.40 -11.38 -31.88
C PRO A 8 4.84 -12.18 -30.72
N LYS A 9 4.76 -13.51 -30.87
CA LYS A 9 4.33 -14.35 -29.76
C LYS A 9 5.37 -14.15 -28.66
N VAL A 10 4.91 -13.95 -27.44
CA VAL A 10 5.79 -13.71 -26.30
C VAL A 10 6.36 -14.97 -25.67
N GLN A 11 7.65 -14.91 -25.39
CA GLN A 11 8.40 -16.01 -24.83
C GLN A 11 9.14 -15.56 -23.53
N PHE A 12 9.57 -16.55 -22.76
CA PHE A 12 10.32 -16.35 -21.53
C PHE A 12 11.75 -15.93 -21.85
N GLU A 13 12.25 -14.89 -21.17
CA GLU A 13 13.60 -14.42 -21.44
C GLU A 13 14.43 -14.35 -20.15
N GLY A 14 13.85 -14.72 -19.01
CA GLY A 14 14.58 -14.78 -17.77
C GLY A 14 14.73 -13.51 -16.95
N LYS A 15 15.09 -13.67 -15.69
CA LYS A 15 15.20 -12.60 -14.73
C LYS A 15 15.96 -11.34 -15.11
N GLU A 16 17.00 -11.47 -15.90
CA GLU A 16 17.79 -10.30 -16.29
C GLU A 16 17.35 -9.71 -17.63
N SER A 17 16.31 -10.26 -18.24
CA SER A 17 15.84 -9.76 -19.51
C SER A 17 15.49 -8.28 -19.44
N THR A 18 15.69 -7.62 -20.56
CA THR A 18 15.55 -6.17 -20.66
C THR A 18 14.38 -5.78 -21.58
N ASN A 19 14.03 -6.67 -22.49
CA ASN A 19 12.97 -6.46 -23.47
C ASN A 19 11.57 -6.46 -22.84
N PRO A 20 10.83 -5.35 -22.97
CA PRO A 20 9.48 -5.20 -22.41
C PRO A 20 8.43 -6.16 -22.95
N LEU A 21 8.72 -6.84 -24.06
CA LEU A 21 7.78 -7.80 -24.61
C LEU A 21 8.22 -9.23 -24.31
N ALA A 22 8.84 -9.40 -23.15
CA ALA A 22 9.34 -10.70 -22.72
C ALA A 22 8.95 -10.99 -21.28
N PHE A 23 8.64 -12.24 -20.98
CA PHE A 23 8.37 -12.64 -19.60
C PHE A 23 9.70 -12.73 -18.86
N LYS A 24 9.79 -12.11 -17.69
CA LYS A 24 10.99 -12.23 -16.88
C LYS A 24 10.87 -13.30 -15.82
N PHE A 25 9.65 -13.57 -15.36
CA PHE A 25 9.46 -14.54 -14.27
C PHE A 25 8.47 -15.62 -14.67
N TYR A 26 7.61 -15.31 -15.62
CA TYR A 26 6.62 -16.30 -16.03
C TYR A 26 7.11 -17.20 -17.17
N ASP A 27 7.40 -18.44 -16.80
CA ASP A 27 7.74 -19.47 -17.78
C ASP A 27 6.52 -20.38 -17.81
N PRO A 28 5.66 -20.21 -18.84
CA PRO A 28 4.44 -21.01 -18.97
C PRO A 28 4.69 -22.51 -18.82
N GLU A 29 5.78 -22.96 -19.40
CA GLU A 29 6.08 -24.39 -19.47
C GLU A 29 6.69 -25.05 -18.24
N GLU A 30 7.41 -24.26 -17.44
CA GLU A 30 8.08 -24.78 -16.25
C GLU A 30 7.17 -25.61 -15.34
N ILE A 31 7.53 -26.87 -15.14
CA ILE A 31 6.72 -27.75 -14.31
C ILE A 31 7.06 -27.67 -12.81
N ILE A 32 6.02 -27.55 -12.00
CA ILE A 32 6.11 -27.54 -10.55
C ILE A 32 5.11 -28.58 -10.05
N ASP A 33 5.60 -29.57 -9.32
CA ASP A 33 4.76 -30.68 -8.79
C ASP A 33 4.05 -31.45 -9.91
N GLY A 34 4.69 -31.61 -11.05
CA GLY A 34 4.08 -32.36 -12.15
C GLY A 34 3.09 -31.60 -13.00
N LYS A 35 3.05 -30.27 -12.85
CA LYS A 35 2.12 -29.41 -13.60
C LYS A 35 2.93 -28.26 -14.17
N PRO A 36 2.65 -27.91 -15.46
CA PRO A 36 3.40 -26.77 -15.96
C PRO A 36 2.90 -25.54 -15.17
N LEU A 37 3.71 -24.50 -15.09
CA LEU A 37 3.35 -23.31 -14.32
C LEU A 37 2.01 -22.72 -14.77
N LYS A 38 1.71 -22.87 -16.06
CA LYS A 38 0.48 -22.31 -16.63
C LYS A 38 -0.78 -22.94 -16.03
N ASP A 39 -0.64 -24.16 -15.51
CA ASP A 39 -1.80 -24.85 -14.94
C ASP A 39 -2.00 -24.55 -13.47
N HIS A 40 -1.02 -23.91 -12.86
CA HIS A 40 -1.15 -23.46 -11.48
C HIS A 40 -1.87 -22.11 -11.52
N LEU A 41 -1.41 -21.25 -12.40
CA LEU A 41 -1.89 -19.87 -12.47
C LEU A 41 -3.19 -19.65 -13.22
N LYS A 42 -3.41 -20.40 -14.31
CA LYS A 42 -4.62 -20.28 -15.10
C LYS A 42 -4.99 -18.83 -15.46
N PHE A 43 -4.01 -18.06 -15.91
CA PHE A 43 -4.24 -16.70 -16.33
C PHE A 43 -5.37 -16.63 -17.37
N SER A 44 -6.14 -15.55 -17.33
CA SER A 44 -7.26 -15.36 -18.23
C SER A 44 -7.40 -13.89 -18.60
N VAL A 45 -7.90 -13.60 -19.80
CA VAL A 45 -8.14 -12.21 -20.20
C VAL A 45 -9.61 -11.86 -20.02
N ALA A 46 -9.84 -10.60 -19.64
CA ALA A 46 -11.17 -10.05 -19.47
C ALA A 46 -11.52 -9.35 -20.79
N PHE A 47 -12.55 -9.85 -21.47
CA PHE A 47 -12.98 -9.32 -22.76
C PHE A 47 -13.34 -7.84 -22.67
N TRP A 48 -14.04 -7.47 -21.60
CA TRP A 48 -14.49 -6.10 -21.40
C TRP A 48 -13.38 -5.05 -21.37
N HIS A 49 -12.38 -5.24 -20.51
CA HIS A 49 -11.31 -4.26 -20.37
C HIS A 49 -10.37 -4.22 -21.56
N THR A 50 -10.06 -5.39 -22.11
CA THR A 50 -9.07 -5.48 -23.17
C THR A 50 -9.60 -5.15 -24.56
N PHE A 51 -10.77 -5.68 -24.90
CA PHE A 51 -11.28 -5.50 -26.25
C PHE A 51 -12.34 -4.45 -26.43
N VAL A 52 -13.21 -4.28 -25.43
CA VAL A 52 -14.28 -3.28 -25.52
C VAL A 52 -13.85 -1.89 -25.02
N ASN A 53 -13.21 -1.86 -23.86
CA ASN A 53 -12.76 -0.63 -23.21
C ASN A 53 -11.76 0.20 -24.05
N GLU A 54 -11.95 1.51 -24.09
CA GLU A 54 -11.06 2.38 -24.87
C GLU A 54 -10.48 3.58 -24.15
N GLY A 55 -10.46 3.54 -22.82
CA GLY A 55 -9.80 4.60 -22.09
C GLY A 55 -10.66 5.79 -21.72
N ARG A 56 -11.97 5.64 -21.83
CA ARG A 56 -12.88 6.70 -21.45
C ARG A 56 -12.95 6.75 -19.92
N ASP A 57 -12.84 7.96 -19.35
CA ASP A 57 -13.05 8.15 -17.92
C ASP A 57 -14.15 9.21 -17.73
N PRO A 58 -14.69 9.36 -16.51
CA PRO A 58 -15.75 10.36 -16.30
C PRO A 58 -15.51 11.77 -16.82
N PHE A 59 -14.25 12.16 -16.97
CA PHE A 59 -13.96 13.50 -17.43
C PHE A 59 -13.38 13.56 -18.83
N GLY A 60 -13.23 12.41 -19.47
CA GLY A 60 -12.58 12.40 -20.78
C GLY A 60 -13.03 11.36 -21.79
N ASP A 61 -12.73 11.64 -23.05
CA ASP A 61 -13.10 10.76 -24.16
C ASP A 61 -12.14 9.58 -24.24
N PRO A 62 -12.52 8.53 -24.99
CA PRO A 62 -11.66 7.37 -25.16
C PRO A 62 -10.36 7.76 -25.89
N THR A 63 -9.27 7.09 -25.54
CA THR A 63 -7.94 7.41 -26.04
C THR A 63 -7.31 6.26 -26.82
N ALA A 64 -7.76 5.05 -26.51
CA ALA A 64 -7.21 3.82 -27.10
C ALA A 64 -7.10 3.84 -28.62
N ASP A 65 -6.00 3.30 -29.09
CA ASP A 65 -5.76 3.14 -30.51
C ASP A 65 -5.91 1.64 -30.73
N ARG A 66 -7.04 1.24 -31.31
CA ARG A 66 -7.28 -0.18 -31.55
C ARG A 66 -7.58 -0.45 -33.03
N PRO A 67 -7.04 -1.54 -33.59
CA PRO A 67 -7.22 -1.93 -35.00
C PRO A 67 -8.69 -2.03 -35.43
N TRP A 68 -9.51 -2.76 -34.68
CA TRP A 68 -10.92 -2.93 -35.02
C TRP A 68 -11.76 -1.65 -35.06
N ASN A 69 -11.16 -0.50 -34.81
CA ASN A 69 -11.90 0.76 -34.82
C ASN A 69 -12.22 1.36 -36.18
N ARG A 70 -11.72 0.75 -37.23
CA ARG A 70 -12.03 1.19 -38.59
C ARG A 70 -13.42 0.69 -38.96
N TYR A 71 -13.74 -0.54 -38.58
CA TYR A 71 -15.06 -1.10 -38.80
C TYR A 71 -16.08 -0.25 -38.06
N THR A 72 -16.95 0.42 -38.80
CA THR A 72 -17.97 1.26 -38.21
C THR A 72 -19.31 0.51 -38.05
N ASP A 73 -19.45 -0.59 -38.79
CA ASP A 73 -20.61 -1.46 -38.66
C ASP A 73 -20.47 -2.25 -37.36
N PRO A 74 -21.37 -2.02 -36.40
CA PRO A 74 -21.37 -2.70 -35.09
C PRO A 74 -21.05 -4.20 -35.14
N MET A 75 -21.62 -4.92 -36.10
CA MET A 75 -21.36 -6.35 -36.24
C MET A 75 -19.96 -6.69 -36.73
N ASP A 76 -19.43 -5.89 -37.66
CA ASP A 76 -18.09 -6.09 -38.17
C ASP A 76 -17.11 -5.95 -37.01
N LYS A 77 -17.36 -4.95 -36.17
CA LYS A 77 -16.57 -4.68 -34.99
C LYS A 77 -16.67 -5.87 -34.01
N ALA A 78 -17.89 -6.35 -33.77
CA ALA A 78 -18.11 -7.47 -32.87
C ALA A 78 -17.31 -8.70 -33.31
N PHE A 79 -17.21 -8.91 -34.63
CA PHE A 79 -16.49 -10.06 -35.16
C PHE A 79 -15.00 -9.81 -35.18
N ALA A 80 -14.64 -8.58 -35.49
CA ALA A 80 -13.24 -8.19 -35.51
C ALA A 80 -12.63 -8.45 -34.13
N ARG A 81 -13.40 -8.13 -33.07
CA ARG A 81 -12.97 -8.32 -31.69
C ARG A 81 -12.78 -9.78 -31.30
N VAL A 82 -13.66 -10.64 -31.79
CA VAL A 82 -13.53 -12.06 -31.51
C VAL A 82 -12.23 -12.58 -32.11
N ASP A 83 -11.87 -12.06 -33.27
CA ASP A 83 -10.66 -12.53 -33.91
C ASP A 83 -9.45 -12.03 -33.13
N ALA A 84 -9.49 -10.75 -32.76
CA ALA A 84 -8.39 -10.15 -32.01
C ALA A 84 -8.17 -10.90 -30.69
N LEU A 85 -9.28 -11.27 -30.05
CA LEU A 85 -9.23 -12.03 -28.80
C LEU A 85 -8.27 -13.19 -28.92
N PHE A 86 -8.55 -14.10 -29.85
CA PHE A 86 -7.73 -15.29 -30.02
C PHE A 86 -6.29 -15.04 -30.43
N GLU A 87 -6.06 -13.99 -31.22
CA GLU A 87 -4.70 -13.65 -31.61
C GLU A 87 -3.95 -13.16 -30.39
N PHE A 88 -4.62 -12.32 -29.60
CA PHE A 88 -4.10 -11.76 -28.37
C PHE A 88 -3.67 -12.90 -27.42
N CYS A 89 -4.58 -13.83 -27.17
CA CYS A 89 -4.27 -14.94 -26.28
C CYS A 89 -3.14 -15.81 -26.80
N GLU A 90 -3.08 -15.98 -28.11
CA GLU A 90 -2.05 -16.81 -28.71
C GLU A 90 -0.68 -16.20 -28.47
N LYS A 91 -0.52 -14.94 -28.85
CA LYS A 91 0.76 -14.25 -28.67
C LYS A 91 1.13 -14.10 -27.21
N LEU A 92 0.16 -13.73 -26.38
CA LEU A 92 0.43 -13.54 -24.96
C LEU A 92 0.46 -14.83 -24.17
N ASN A 93 0.21 -15.95 -24.84
CA ASN A 93 0.30 -17.27 -24.23
C ASN A 93 -0.83 -17.66 -23.25
N ILE A 94 -1.99 -17.03 -23.40
CA ILE A 94 -3.10 -17.27 -22.49
C ILE A 94 -4.10 -18.28 -23.03
N GLU A 95 -4.66 -19.08 -22.12
CA GLU A 95 -5.58 -20.16 -22.47
C GLU A 95 -6.99 -20.02 -21.96
N TYR A 96 -7.29 -18.90 -21.31
CA TYR A 96 -8.63 -18.67 -20.79
C TYR A 96 -9.05 -17.22 -21.01
N PHE A 97 -10.35 -17.01 -21.20
CA PHE A 97 -10.88 -15.66 -21.31
C PHE A 97 -12.24 -15.69 -20.60
N CYS A 98 -12.69 -14.50 -20.20
CA CYS A 98 -14.00 -14.31 -19.55
C CYS A 98 -14.72 -13.20 -20.29
N PHE A 99 -16.04 -13.26 -20.33
CA PHE A 99 -16.78 -12.23 -21.04
C PHE A 99 -18.17 -12.00 -20.45
N HIS A 100 -18.72 -10.83 -20.70
CA HIS A 100 -20.10 -10.54 -20.41
C HIS A 100 -20.83 -10.80 -21.71
N ASP A 101 -22.09 -11.22 -21.61
CA ASP A 101 -22.92 -11.44 -22.79
C ASP A 101 -23.02 -10.17 -23.66
N ARG A 102 -23.01 -9.01 -23.02
CA ARG A 102 -23.15 -7.75 -23.75
C ARG A 102 -21.82 -7.21 -24.24
N ASP A 103 -20.73 -7.91 -23.94
CA ASP A 103 -19.41 -7.52 -24.42
C ASP A 103 -19.25 -7.99 -25.86
N ILE A 104 -19.73 -9.21 -26.12
CA ILE A 104 -19.51 -9.87 -27.40
C ILE A 104 -20.45 -9.53 -28.56
N ALA A 105 -21.65 -9.06 -28.26
CA ALA A 105 -22.64 -8.82 -29.31
C ALA A 105 -23.58 -7.65 -29.00
N PRO A 106 -23.72 -6.70 -29.93
CA PRO A 106 -24.60 -5.54 -29.77
C PRO A 106 -26.04 -5.96 -29.49
N GLU A 107 -26.81 -5.06 -28.90
CA GLU A 107 -28.18 -5.38 -28.51
C GLU A 107 -29.21 -5.00 -29.57
N GLY A 108 -30.30 -5.76 -29.63
CA GLY A 108 -31.38 -5.46 -30.55
C GLY A 108 -32.49 -4.67 -29.88
N LYS A 109 -33.60 -4.49 -30.58
CA LYS A 109 -34.74 -3.74 -30.04
C LYS A 109 -35.54 -4.57 -29.03
N THR A 110 -35.49 -5.89 -29.17
CA THR A 110 -36.18 -6.78 -28.24
C THR A 110 -35.20 -7.83 -27.74
N LEU A 111 -35.55 -8.54 -26.68
CA LEU A 111 -34.70 -9.59 -26.17
C LEU A 111 -34.48 -10.65 -27.24
N ARG A 112 -35.54 -11.01 -27.97
CA ARG A 112 -35.49 -12.01 -29.05
C ARG A 112 -34.45 -11.64 -30.10
N GLU A 113 -34.56 -10.40 -30.57
CA GLU A 113 -33.62 -9.81 -31.51
C GLU A 113 -32.21 -9.97 -30.96
N THR A 114 -32.01 -9.45 -29.76
CA THR A 114 -30.74 -9.45 -29.04
C THR A 114 -30.13 -10.86 -28.98
N ASN A 115 -30.95 -11.84 -28.60
CA ASN A 115 -30.48 -13.22 -28.51
C ASN A 115 -30.03 -13.76 -29.88
N LYS A 116 -30.80 -13.48 -30.94
CA LYS A 116 -30.44 -13.88 -32.30
C LYS A 116 -29.04 -13.35 -32.62
N ILE A 117 -28.89 -12.03 -32.50
CA ILE A 117 -27.61 -11.36 -32.75
C ILE A 117 -26.49 -12.01 -31.93
N LEU A 118 -26.82 -12.34 -30.69
CA LEU A 118 -25.87 -12.95 -29.78
C LEU A 118 -25.39 -14.31 -30.28
N ASP A 119 -26.32 -15.14 -30.76
CA ASP A 119 -25.98 -16.46 -31.31
C ASP A 119 -24.97 -16.36 -32.45
N LYS A 120 -25.12 -15.34 -33.30
CA LYS A 120 -24.23 -15.15 -34.43
C LYS A 120 -22.78 -15.09 -33.95
N VAL A 121 -22.49 -14.25 -32.96
CA VAL A 121 -21.11 -14.15 -32.48
C VAL A 121 -20.66 -15.37 -31.67
N VAL A 122 -21.58 -15.97 -30.90
CA VAL A 122 -21.22 -17.14 -30.11
C VAL A 122 -20.71 -18.25 -31.01
N GLU A 123 -21.38 -18.45 -32.15
CA GLU A 123 -20.97 -19.47 -33.13
C GLU A 123 -19.56 -19.18 -33.64
N ARG A 124 -19.27 -17.93 -34.00
CA ARG A 124 -17.93 -17.58 -34.46
C ARG A 124 -16.89 -17.83 -33.37
N ILE A 125 -17.26 -17.57 -32.12
CA ILE A 125 -16.36 -17.80 -31.00
C ILE A 125 -16.03 -19.29 -30.86
N LYS A 126 -17.03 -20.14 -31.08
CA LYS A 126 -16.84 -21.59 -30.95
C LYS A 126 -15.95 -22.20 -32.02
N GLU A 127 -16.01 -21.66 -33.24
CA GLU A 127 -15.17 -22.14 -34.34
C GLU A 127 -13.71 -21.84 -33.99
N ARG A 128 -13.40 -20.57 -33.79
CA ARG A 128 -12.03 -20.16 -33.46
C ARG A 128 -11.55 -20.83 -32.16
N MET A 129 -12.48 -21.18 -31.28
CA MET A 129 -12.16 -21.86 -30.04
C MET A 129 -11.57 -23.24 -30.28
N LYS A 130 -12.29 -24.08 -31.01
CA LYS A 130 -11.84 -25.43 -31.33
C LYS A 130 -10.60 -25.44 -32.23
N ASP A 131 -10.42 -24.37 -33.01
CA ASP A 131 -9.23 -24.20 -33.84
C ASP A 131 -8.04 -23.79 -32.95
N SER A 132 -8.35 -23.29 -31.75
CA SER A 132 -7.34 -22.85 -30.80
C SER A 132 -7.36 -23.70 -29.52
N ASN A 133 -6.70 -23.20 -28.49
CA ASN A 133 -6.64 -23.91 -27.21
C ASN A 133 -7.24 -23.08 -26.08
N VAL A 134 -7.66 -21.84 -26.39
CA VAL A 134 -8.26 -20.97 -25.38
C VAL A 134 -9.63 -21.51 -24.97
N LYS A 135 -9.95 -21.37 -23.69
CA LYS A 135 -11.22 -21.84 -23.16
C LYS A 135 -11.94 -20.73 -22.41
N LEU A 136 -13.18 -21.01 -22.02
CA LEU A 136 -13.97 -20.07 -21.26
C LEU A 136 -13.81 -20.41 -19.78
N LEU A 137 -13.17 -19.50 -19.04
CA LEU A 137 -13.03 -19.68 -17.60
C LEU A 137 -14.41 -19.49 -16.99
N TRP A 138 -14.98 -18.31 -17.15
CA TRP A 138 -16.35 -18.08 -16.72
C TRP A 138 -17.06 -17.04 -17.57
N GLY A 139 -18.38 -17.18 -17.61
CA GLY A 139 -19.20 -16.20 -18.30
C GLY A 139 -20.10 -15.50 -17.30
N THR A 140 -20.71 -14.39 -17.74
CA THR A 140 -21.57 -13.63 -16.87
C THR A 140 -22.45 -12.70 -17.71
N ALA A 141 -23.60 -12.35 -17.13
CA ALA A 141 -24.54 -11.44 -17.76
C ALA A 141 -24.30 -10.01 -17.25
N ASN A 142 -24.26 -9.05 -18.17
CA ASN A 142 -24.14 -7.65 -17.77
C ASN A 142 -25.53 -7.17 -17.36
N LEU A 143 -25.77 -7.08 -16.06
CA LEU A 143 -27.05 -6.60 -15.55
C LEU A 143 -26.92 -5.21 -14.91
N PHE A 144 -26.12 -4.33 -15.52
CA PHE A 144 -25.92 -3.02 -14.93
C PHE A 144 -25.77 -1.85 -15.90
N SER A 145 -25.33 -2.12 -17.12
CA SER A 145 -25.10 -1.04 -18.09
C SER A 145 -26.35 -0.39 -18.67
N HIS A 146 -27.30 -1.22 -19.11
CA HIS A 146 -28.50 -0.73 -19.77
C HIS A 146 -29.45 0.00 -18.80
N PRO A 147 -29.95 1.19 -19.18
CA PRO A 147 -30.85 2.03 -18.38
C PRO A 147 -31.94 1.26 -17.63
N ARG A 148 -32.40 0.17 -18.23
CA ARG A 148 -33.40 -0.71 -17.64
C ARG A 148 -33.04 -1.10 -16.20
N TYR A 149 -31.74 -1.15 -15.90
CA TYR A 149 -31.25 -1.59 -14.59
C TYR A 149 -30.87 -0.48 -13.62
N MET A 150 -31.30 0.73 -13.93
CA MET A 150 -30.98 1.89 -13.08
C MET A 150 -31.39 1.71 -11.63
N HIS A 151 -32.43 0.89 -11.39
CA HIS A 151 -32.88 0.62 -10.00
C HIS A 151 -32.50 -0.79 -9.58
N GLY A 152 -31.58 -1.40 -10.32
CA GLY A 152 -31.17 -2.77 -10.03
C GLY A 152 -31.75 -3.77 -11.01
N ALA A 153 -31.36 -5.03 -10.84
CA ALA A 153 -31.87 -6.11 -11.66
C ALA A 153 -32.83 -6.95 -10.81
N ALA A 154 -32.31 -7.90 -10.06
CA ALA A 154 -33.14 -8.70 -9.17
C ALA A 154 -33.76 -7.84 -8.07
N THR A 155 -33.10 -6.73 -7.74
CA THR A 155 -33.56 -5.82 -6.69
C THR A 155 -34.26 -4.60 -7.25
N THR A 156 -34.71 -4.68 -8.49
CA THR A 156 -35.41 -3.57 -9.14
C THR A 156 -36.78 -3.41 -8.50
N CYS A 157 -37.43 -2.28 -8.77
CA CYS A 157 -38.77 -2.04 -8.27
C CYS A 157 -39.80 -2.36 -9.36
N SER A 158 -39.33 -2.78 -10.53
CA SER A 158 -40.20 -3.11 -11.66
C SER A 158 -40.14 -4.58 -12.00
N ALA A 159 -41.27 -5.27 -11.90
CA ALA A 159 -41.32 -6.69 -12.21
C ALA A 159 -40.93 -7.01 -13.65
N ASP A 160 -41.15 -6.07 -14.57
CA ASP A 160 -40.75 -6.27 -15.95
C ASP A 160 -39.24 -6.42 -16.02
N VAL A 161 -38.53 -5.54 -15.33
CA VAL A 161 -37.08 -5.61 -15.27
C VAL A 161 -36.64 -6.92 -14.64
N PHE A 162 -37.29 -7.34 -13.56
CA PHE A 162 -36.95 -8.61 -12.92
C PHE A 162 -37.03 -9.71 -13.97
N ALA A 163 -38.12 -9.70 -14.74
CA ALA A 163 -38.35 -10.68 -15.80
C ALA A 163 -37.27 -10.65 -16.88
N TYR A 164 -36.98 -9.47 -17.39
CA TYR A 164 -35.94 -9.31 -18.37
C TYR A 164 -34.62 -9.88 -17.84
N ALA A 165 -34.26 -9.50 -16.61
CA ALA A 165 -33.03 -9.96 -15.98
C ALA A 165 -33.00 -11.48 -15.85
N ALA A 166 -34.11 -12.10 -15.47
CA ALA A 166 -34.15 -13.56 -15.36
C ALA A 166 -33.94 -14.20 -16.73
N ALA A 167 -34.55 -13.62 -17.75
CA ALA A 167 -34.44 -14.10 -19.12
C ALA A 167 -33.00 -13.98 -19.65
N GLN A 168 -32.37 -12.84 -19.38
CA GLN A 168 -31.01 -12.58 -19.82
C GLN A 168 -30.03 -13.55 -19.16
N VAL A 169 -30.21 -13.77 -17.86
CA VAL A 169 -29.36 -14.69 -17.13
C VAL A 169 -29.55 -16.11 -17.69
N LYS A 170 -30.78 -16.45 -18.04
CA LYS A 170 -31.10 -17.77 -18.61
C LYS A 170 -30.25 -17.99 -19.86
N LYS A 171 -30.30 -17.02 -20.77
CA LYS A 171 -29.50 -17.08 -21.99
C LYS A 171 -28.01 -17.19 -21.65
N ALA A 172 -27.57 -16.34 -20.74
CA ALA A 172 -26.17 -16.31 -20.32
C ALA A 172 -25.71 -17.68 -19.80
N LEU A 173 -26.55 -18.33 -19.00
CA LEU A 173 -26.23 -19.65 -18.49
C LEU A 173 -26.11 -20.63 -19.64
N GLU A 174 -27.01 -20.50 -20.62
CA GLU A 174 -27.00 -21.37 -21.78
C GLU A 174 -25.69 -21.26 -22.56
N ILE A 175 -25.37 -20.06 -23.05
CA ILE A 175 -24.15 -19.93 -23.85
C ILE A 175 -22.88 -20.24 -23.06
N THR A 176 -22.92 -20.10 -21.74
CA THR A 176 -21.76 -20.44 -20.92
C THR A 176 -21.59 -21.96 -20.92
N LYS A 177 -22.70 -22.68 -20.78
CA LYS A 177 -22.65 -24.14 -20.80
C LYS A 177 -22.19 -24.62 -22.18
N GLU A 178 -22.64 -23.93 -23.21
CA GLU A 178 -22.30 -24.28 -24.58
C GLU A 178 -20.81 -24.08 -24.83
N LEU A 179 -20.27 -22.96 -24.36
CA LEU A 179 -18.86 -22.67 -24.58
C LEU A 179 -17.94 -23.40 -23.59
N GLY A 180 -18.52 -24.23 -22.73
CA GLY A 180 -17.75 -25.01 -21.78
C GLY A 180 -17.12 -24.24 -20.63
N GLY A 181 -17.80 -23.20 -20.14
CA GLY A 181 -17.28 -22.42 -19.03
C GLY A 181 -17.09 -23.22 -17.76
N GLU A 182 -16.07 -22.88 -16.99
CA GLU A 182 -15.83 -23.56 -15.73
C GLU A 182 -16.71 -22.98 -14.63
N GLY A 183 -17.13 -21.73 -14.82
CA GLY A 183 -17.99 -21.08 -13.85
C GLY A 183 -18.87 -20.01 -14.43
N TYR A 184 -19.81 -19.54 -13.63
CA TYR A 184 -20.71 -18.45 -14.00
C TYR A 184 -20.70 -17.48 -12.82
N VAL A 185 -20.39 -16.23 -13.12
CA VAL A 185 -20.23 -15.19 -12.10
C VAL A 185 -21.44 -14.26 -12.00
N PHE A 186 -21.69 -13.84 -10.76
CA PHE A 186 -22.72 -12.84 -10.48
C PHE A 186 -22.05 -11.62 -9.88
N TRP A 187 -22.10 -10.50 -10.60
CA TRP A 187 -21.64 -9.23 -10.02
C TRP A 187 -22.87 -8.34 -9.90
N GLY A 188 -23.32 -8.11 -8.69
CA GLY A 188 -24.50 -7.28 -8.49
C GLY A 188 -24.25 -5.79 -8.59
N GLY A 189 -23.70 -5.36 -9.72
CA GLY A 189 -23.35 -3.96 -9.91
C GLY A 189 -24.39 -2.92 -9.56
N ARG A 190 -25.66 -3.23 -9.77
CA ARG A 190 -26.75 -2.31 -9.44
C ARG A 190 -27.61 -2.94 -8.36
N GLU A 191 -27.15 -4.04 -7.76
CA GLU A 191 -27.88 -4.70 -6.69
C GLU A 191 -27.42 -4.11 -5.36
N GLY A 192 -28.00 -2.95 -5.04
CA GLY A 192 -27.63 -2.22 -3.85
C GLY A 192 -28.55 -1.00 -3.78
N TYR A 193 -28.08 0.10 -3.19
CA TYR A 193 -28.91 1.30 -3.11
C TYR A 193 -28.07 2.58 -3.19
N GLU A 194 -28.72 3.68 -3.54
CA GLU A 194 -28.08 4.98 -3.57
C GLU A 194 -28.62 5.80 -2.39
N THR A 195 -29.85 5.47 -1.96
CA THR A 195 -30.45 6.07 -0.77
C THR A 195 -31.44 5.11 -0.14
N LEU A 196 -31.47 5.10 1.20
CA LEU A 196 -32.39 4.25 1.94
C LEU A 196 -33.81 4.83 1.92
N LEU A 197 -33.93 6.13 1.66
CA LEU A 197 -35.23 6.79 1.64
C LEU A 197 -36.23 6.13 0.68
N ASN A 198 -35.76 5.67 -0.47
CA ASN A 198 -36.66 4.99 -1.41
C ASN A 198 -36.45 3.47 -1.48
N THR A 199 -35.80 2.91 -0.46
CA THR A 199 -35.45 1.50 -0.51
C THR A 199 -36.15 0.61 0.52
N ASP A 200 -36.85 -0.40 0.03
CA ASP A 200 -37.40 -1.39 0.95
C ASP A 200 -36.33 -2.49 0.98
N LEU A 201 -35.34 -2.31 1.84
CA LEU A 201 -34.23 -3.23 1.98
C LEU A 201 -34.67 -4.70 2.03
N GLY A 202 -35.59 -5.01 2.94
CA GLY A 202 -36.04 -6.38 3.12
C GLY A 202 -36.62 -7.01 1.86
N PHE A 203 -37.45 -6.27 1.15
CA PHE A 203 -38.07 -6.75 -0.09
C PHE A 203 -37.00 -7.04 -1.14
N GLU A 204 -36.12 -6.07 -1.41
CA GLU A 204 -35.08 -6.23 -2.40
C GLU A 204 -34.20 -7.45 -2.11
N LEU A 205 -33.85 -7.67 -0.85
CA LEU A 205 -33.04 -8.82 -0.50
C LEU A 205 -33.80 -10.13 -0.70
N GLU A 206 -35.12 -10.08 -0.61
CA GLU A 206 -35.93 -11.28 -0.83
C GLU A 206 -35.95 -11.65 -2.30
N ASN A 207 -36.22 -10.65 -3.14
CA ASN A 207 -36.25 -10.84 -4.60
C ASN A 207 -34.89 -11.30 -5.10
N LEU A 208 -33.84 -10.72 -4.52
CA LEU A 208 -32.48 -11.11 -4.87
C LEU A 208 -32.29 -12.61 -4.63
N ALA A 209 -32.77 -13.10 -3.49
CA ALA A 209 -32.66 -14.52 -3.14
C ALA A 209 -33.51 -15.41 -4.05
N ARG A 210 -34.74 -14.97 -4.36
CA ARG A 210 -35.60 -15.70 -5.29
C ARG A 210 -34.87 -15.87 -6.61
N PHE A 211 -34.28 -14.77 -7.07
CA PHE A 211 -33.55 -14.74 -8.33
C PHE A 211 -32.41 -15.76 -8.31
N LEU A 212 -31.51 -15.62 -7.35
CA LEU A 212 -30.38 -16.53 -7.22
C LEU A 212 -30.81 -17.98 -7.33
N ARG A 213 -31.82 -18.39 -6.56
CA ARG A 213 -32.21 -19.79 -6.63
C ARG A 213 -32.95 -20.20 -7.91
N MET A 214 -33.70 -19.29 -8.52
CA MET A 214 -34.29 -19.60 -9.82
C MET A 214 -33.15 -19.95 -10.76
N ALA A 215 -32.06 -19.19 -10.65
CA ALA A 215 -30.88 -19.42 -11.45
C ALA A 215 -30.25 -20.78 -11.15
N VAL A 216 -30.23 -21.20 -9.88
CA VAL A 216 -29.63 -22.50 -9.55
C VAL A 216 -30.51 -23.66 -9.99
N ASP A 217 -31.83 -23.44 -10.03
CA ASP A 217 -32.79 -24.46 -10.44
C ASP A 217 -32.72 -24.65 -11.95
N TYR A 218 -32.53 -23.57 -12.68
CA TYR A 218 -32.42 -23.65 -14.14
C TYR A 218 -31.08 -24.23 -14.55
N ALA A 219 -30.05 -23.96 -13.75
CA ALA A 219 -28.74 -24.53 -14.02
C ALA A 219 -28.89 -26.04 -13.97
N LYS A 220 -29.68 -26.54 -13.01
CA LYS A 220 -29.98 -27.98 -12.92
C LYS A 220 -30.76 -28.45 -14.16
N ARG A 221 -31.86 -27.76 -14.46
CA ARG A 221 -32.71 -28.10 -15.59
C ARG A 221 -31.97 -28.14 -16.93
N ILE A 222 -30.74 -27.66 -16.99
CA ILE A 222 -29.98 -27.72 -18.24
C ILE A 222 -28.67 -28.48 -18.10
N GLY A 223 -28.50 -29.16 -16.97
CA GLY A 223 -27.28 -29.92 -16.76
C GLY A 223 -26.00 -29.09 -16.80
N PHE A 224 -26.07 -27.86 -16.29
CA PHE A 224 -24.89 -27.01 -16.21
C PHE A 224 -24.07 -27.45 -15.00
N THR A 225 -22.77 -27.59 -15.20
CA THR A 225 -21.89 -28.12 -14.15
C THR A 225 -20.86 -27.12 -13.65
N GLY A 226 -20.86 -25.91 -14.20
CA GLY A 226 -19.90 -24.91 -13.78
C GLY A 226 -20.15 -24.45 -12.35
N GLN A 227 -19.13 -23.86 -11.72
CA GLN A 227 -19.28 -23.34 -10.36
C GLN A 227 -19.92 -21.96 -10.40
N PHE A 228 -20.92 -21.75 -9.56
CA PHE A 228 -21.56 -20.44 -9.40
C PHE A 228 -20.69 -19.59 -8.49
N LEU A 229 -20.30 -18.43 -9.00
CA LEU A 229 -19.42 -17.54 -8.26
C LEU A 229 -20.13 -16.23 -8.02
N ILE A 230 -20.03 -15.73 -6.79
CA ILE A 230 -20.52 -14.40 -6.47
C ILE A 230 -19.28 -13.52 -6.31
N GLU A 231 -19.33 -12.34 -6.92
CA GLU A 231 -18.20 -11.40 -6.86
C GLU A 231 -18.59 -10.17 -6.04
N PRO A 232 -18.10 -10.12 -4.79
CA PRO A 232 -18.41 -9.03 -3.86
C PRO A 232 -17.76 -7.70 -4.26
N LYS A 233 -18.45 -6.62 -3.92
CA LYS A 233 -17.96 -5.27 -4.12
C LYS A 233 -18.75 -4.39 -3.14
N PRO A 234 -18.06 -3.52 -2.39
CA PRO A 234 -18.73 -2.68 -1.41
C PRO A 234 -19.59 -1.53 -1.95
N LYS A 235 -19.22 -1.04 -3.13
CA LYS A 235 -19.88 0.13 -3.70
C LYS A 235 -19.35 0.43 -5.09
N GLU A 236 -19.82 1.52 -5.69
CA GLU A 236 -19.50 1.93 -7.07
C GLU A 236 -19.96 0.91 -8.11
N PRO A 237 -20.94 1.28 -8.95
CA PRO A 237 -21.63 2.57 -9.01
C PRO A 237 -22.55 2.93 -7.82
N THR A 238 -23.13 1.94 -7.14
CA THR A 238 -24.03 2.23 -6.00
C THR A 238 -23.32 2.83 -4.79
N LYS A 239 -24.10 3.38 -3.86
CA LYS A 239 -23.59 3.92 -2.59
C LYS A 239 -23.27 2.73 -1.69
N HIS A 240 -24.15 1.74 -1.71
CA HIS A 240 -23.93 0.49 -0.98
C HIS A 240 -24.36 -0.66 -1.87
N GLN A 241 -23.45 -1.59 -2.10
CA GLN A 241 -23.78 -2.78 -2.88
C GLN A 241 -24.04 -3.90 -1.88
N TYR A 242 -25.06 -4.70 -2.15
CA TYR A 242 -25.46 -5.71 -1.18
C TYR A 242 -24.40 -6.73 -0.81
N ASP A 243 -23.74 -7.32 -1.80
CA ASP A 243 -22.65 -8.25 -1.54
C ASP A 243 -21.42 -7.42 -1.19
N PHE A 244 -21.50 -6.73 -0.05
CA PHE A 244 -20.46 -5.79 0.37
C PHE A 244 -19.09 -6.44 0.37
N ASP A 245 -19.02 -7.66 0.90
CA ASP A 245 -17.77 -8.42 0.96
C ASP A 245 -18.07 -9.90 1.27
N VAL A 246 -17.05 -10.73 1.38
CA VAL A 246 -17.20 -12.15 1.65
C VAL A 246 -18.15 -12.44 2.80
N ALA A 247 -17.85 -11.89 3.97
CA ALA A 247 -18.67 -12.14 5.14
C ALA A 247 -20.14 -11.70 4.95
N THR A 248 -20.34 -10.52 4.36
CA THR A 248 -21.69 -10.02 4.14
C THR A 248 -22.46 -10.89 3.15
N ALA A 249 -21.84 -11.20 2.01
CA ALA A 249 -22.48 -12.04 0.99
C ALA A 249 -22.75 -13.41 1.59
N TYR A 250 -21.77 -13.93 2.33
CA TYR A 250 -21.94 -15.23 2.98
C TYR A 250 -23.17 -15.20 3.87
N ALA A 251 -23.26 -14.16 4.69
CA ALA A 251 -24.38 -13.99 5.61
C ALA A 251 -25.72 -14.08 4.87
N PHE A 252 -25.81 -13.44 3.71
CA PHE A 252 -27.04 -13.45 2.92
C PHE A 252 -27.33 -14.85 2.36
N LEU A 253 -26.30 -15.50 1.82
CA LEU A 253 -26.46 -16.85 1.28
C LEU A 253 -26.88 -17.82 2.37
N LYS A 254 -26.03 -17.92 3.39
CA LYS A 254 -26.29 -18.78 4.54
C LYS A 254 -27.70 -18.53 5.09
N SER A 255 -28.06 -17.24 5.19
CA SER A 255 -29.34 -16.82 5.72
C SER A 255 -30.53 -17.34 4.90
N HIS A 256 -30.31 -17.52 3.60
CA HIS A 256 -31.39 -17.96 2.71
C HIS A 256 -31.20 -19.37 2.15
N GLY A 257 -30.26 -20.12 2.71
CA GLY A 257 -30.01 -21.48 2.25
C GLY A 257 -29.40 -21.64 0.86
N LEU A 258 -28.73 -20.61 0.35
CA LEU A 258 -28.13 -20.65 -0.97
C LEU A 258 -26.63 -20.92 -0.97
N ASP A 259 -26.03 -20.94 0.21
CA ASP A 259 -24.57 -21.04 0.34
C ASP A 259 -23.89 -22.29 -0.23
N GLU A 260 -24.54 -23.44 -0.11
CA GLU A 260 -23.99 -24.68 -0.62
C GLU A 260 -23.73 -24.64 -2.14
N TYR A 261 -24.38 -23.72 -2.84
CA TYR A 261 -24.28 -23.64 -4.30
C TYR A 261 -23.28 -22.62 -4.82
N PHE A 262 -22.74 -21.78 -3.93
CA PHE A 262 -21.90 -20.68 -4.36
C PHE A 262 -20.50 -20.65 -3.77
N LYS A 263 -19.59 -20.02 -4.51
CA LYS A 263 -18.24 -19.73 -4.04
C LYS A 263 -17.96 -18.30 -4.47
N PHE A 264 -16.84 -17.74 -4.03
CA PHE A 264 -16.56 -16.34 -4.29
C PHE A 264 -15.46 -16.10 -5.31
N ASN A 265 -15.64 -15.05 -6.11
CA ASN A 265 -14.64 -14.60 -7.07
C ASN A 265 -14.16 -13.31 -6.42
N ILE A 266 -12.96 -13.34 -5.83
CA ILE A 266 -12.43 -12.20 -5.08
C ILE A 266 -11.57 -11.30 -5.94
N GLU A 267 -11.83 -10.00 -5.86
CA GLU A 267 -11.07 -9.02 -6.63
C GLU A 267 -10.29 -8.10 -5.67
N ALA A 268 -9.00 -7.95 -5.94
CA ALA A 268 -8.15 -7.14 -5.08
C ALA A 268 -8.76 -5.76 -4.79
N ASN A 269 -9.08 -5.01 -5.83
CA ASN A 269 -9.56 -3.64 -5.68
C ASN A 269 -10.88 -3.55 -4.91
N HIS A 270 -11.68 -4.61 -5.00
CA HIS A 270 -12.95 -4.63 -4.28
C HIS A 270 -12.70 -4.81 -2.80
N ALA A 271 -11.76 -5.69 -2.48
CA ALA A 271 -11.39 -5.98 -1.11
C ALA A 271 -10.95 -4.72 -0.39
N THR A 272 -10.06 -3.96 -1.03
CA THR A 272 -9.48 -2.77 -0.43
C THR A 272 -10.44 -1.59 -0.36
N LEU A 273 -11.43 -1.59 -1.24
CA LEU A 273 -12.41 -0.52 -1.26
C LEU A 273 -13.38 -0.69 -0.10
N ALA A 274 -13.55 -1.94 0.35
CA ALA A 274 -14.40 -2.28 1.51
C ALA A 274 -13.62 -2.16 2.82
N GLY A 275 -12.40 -1.65 2.75
CA GLY A 275 -11.58 -1.49 3.92
C GLY A 275 -10.84 -2.75 4.35
N HIS A 276 -10.76 -3.74 3.46
CA HIS A 276 -10.03 -4.97 3.77
C HIS A 276 -8.79 -5.08 2.89
N THR A 277 -7.85 -5.91 3.30
CA THR A 277 -6.70 -6.22 2.45
C THR A 277 -7.12 -7.36 1.54
N PHE A 278 -6.42 -7.51 0.42
CA PHE A 278 -6.69 -8.60 -0.50
C PHE A 278 -6.58 -9.94 0.26
N GLN A 279 -5.49 -10.11 1.00
CA GLN A 279 -5.26 -11.37 1.73
C GLN A 279 -6.42 -11.69 2.67
N HIS A 280 -6.86 -10.70 3.44
CA HIS A 280 -7.96 -10.88 4.39
C HIS A 280 -9.16 -11.55 3.73
N GLU A 281 -9.55 -10.99 2.59
CA GLU A 281 -10.73 -11.43 1.88
C GLU A 281 -10.55 -12.85 1.33
N LEU A 282 -9.33 -13.16 0.89
CA LEU A 282 -8.99 -14.49 0.42
C LEU A 282 -9.03 -15.52 1.56
N ARG A 283 -8.44 -15.18 2.72
CA ARG A 283 -8.45 -16.06 3.89
C ARG A 283 -9.87 -16.37 4.34
N MET A 284 -10.72 -15.34 4.41
CA MET A 284 -12.12 -15.53 4.79
C MET A 284 -12.79 -16.53 3.86
N ALA A 285 -12.68 -16.26 2.55
CA ALA A 285 -13.23 -17.15 1.53
C ALA A 285 -12.72 -18.55 1.76
N ARG A 286 -11.43 -18.67 2.05
CA ARG A 286 -10.77 -19.94 2.27
C ARG A 286 -11.29 -20.77 3.44
N ILE A 287 -11.37 -20.17 4.63
CA ILE A 287 -11.85 -20.90 5.80
C ILE A 287 -13.34 -21.23 5.68
N LEU A 288 -14.08 -20.47 4.88
CA LEU A 288 -15.47 -20.78 4.56
C LEU A 288 -15.53 -21.89 3.51
N GLY A 289 -14.39 -22.17 2.88
CA GLY A 289 -14.32 -23.18 1.83
C GLY A 289 -14.86 -22.69 0.50
N LYS A 290 -14.89 -21.38 0.31
CA LYS A 290 -15.44 -20.82 -0.92
C LYS A 290 -14.48 -19.89 -1.65
N LEU A 291 -13.21 -20.23 -1.64
CA LEU A 291 -12.25 -19.47 -2.43
C LEU A 291 -12.37 -20.01 -3.86
N GLY A 292 -13.30 -19.42 -4.61
CA GLY A 292 -13.56 -19.90 -5.95
C GLY A 292 -12.58 -19.49 -7.03
N SER A 293 -12.46 -18.19 -7.26
CA SER A 293 -11.60 -17.69 -8.32
C SER A 293 -11.12 -16.31 -7.93
N ILE A 294 -10.20 -15.74 -8.71
CA ILE A 294 -9.65 -14.42 -8.43
C ILE A 294 -9.65 -13.51 -9.65
N ASP A 295 -10.05 -12.26 -9.45
CA ASP A 295 -9.89 -11.23 -10.46
C ASP A 295 -8.62 -10.51 -10.07
N ALA A 296 -7.57 -10.72 -10.84
CA ALA A 296 -6.26 -10.18 -10.54
C ALA A 296 -6.03 -8.76 -11.03
N ASN A 297 -6.29 -7.80 -10.15
CA ASN A 297 -5.92 -6.41 -10.43
C ASN A 297 -5.26 -5.83 -9.17
N GLN A 298 -5.15 -4.50 -9.12
CA GLN A 298 -4.54 -3.83 -7.99
C GLN A 298 -5.13 -2.41 -7.97
N GLY A 299 -5.72 -2.04 -6.83
CA GLY A 299 -6.23 -0.68 -6.70
C GLY A 299 -5.20 0.29 -6.15
N ASP A 300 -5.58 1.56 -6.05
CA ASP A 300 -4.72 2.57 -5.44
C ASP A 300 -5.37 2.90 -4.11
N LEU A 301 -4.71 2.56 -3.02
CA LEU A 301 -5.23 2.74 -1.67
C LEU A 301 -5.48 4.19 -1.27
N LEU A 302 -4.86 5.13 -1.97
CA LEU A 302 -5.08 6.54 -1.67
C LEU A 302 -6.22 7.15 -2.50
N LEU A 303 -6.85 6.32 -3.34
CA LEU A 303 -8.00 6.74 -4.16
C LEU A 303 -9.27 5.96 -3.80
N GLY A 304 -10.40 6.66 -3.72
CA GLY A 304 -11.64 6.03 -3.31
C GLY A 304 -12.48 5.35 -4.38
N TRP A 305 -11.93 5.10 -5.57
CA TRP A 305 -12.69 4.41 -6.65
C TRP A 305 -11.86 3.27 -7.24
N ASP A 306 -12.48 2.30 -7.94
CA ASP A 306 -11.68 1.22 -8.55
C ASP A 306 -10.78 1.82 -9.62
N THR A 307 -9.48 1.68 -9.45
CA THR A 307 -8.53 2.07 -10.47
C THR A 307 -8.32 0.92 -11.47
N ASP A 308 -8.56 -0.32 -11.03
CA ASP A 308 -8.39 -1.51 -11.88
C ASP A 308 -7.05 -1.60 -12.63
N GLN A 309 -5.95 -1.40 -11.92
CA GLN A 309 -4.61 -1.43 -12.50
C GLN A 309 -4.06 -2.85 -12.60
N PHE A 310 -3.06 -3.05 -13.47
CA PHE A 310 -2.39 -4.34 -13.56
C PHE A 310 -1.52 -4.50 -12.32
N PRO A 311 -1.58 -5.67 -11.70
CA PRO A 311 -0.83 -5.96 -10.48
C PRO A 311 0.69 -5.98 -10.68
N THR A 312 1.40 -5.05 -10.04
CA THR A 312 2.84 -4.99 -10.19
C THR A 312 3.56 -4.95 -8.84
N ASN A 313 2.93 -5.53 -7.82
CA ASN A 313 3.45 -5.49 -6.46
C ASN A 313 3.64 -6.91 -5.89
N VAL A 314 4.89 -7.33 -5.71
CA VAL A 314 5.19 -8.70 -5.25
C VAL A 314 4.69 -9.03 -3.85
N TYR A 315 4.58 -8.04 -2.97
CA TYR A 315 4.04 -8.29 -1.64
C TYR A 315 2.59 -8.79 -1.75
N ASP A 316 1.79 -8.11 -2.58
CA ASP A 316 0.38 -8.49 -2.75
C ASP A 316 0.22 -9.85 -3.40
N THR A 317 0.95 -10.08 -4.48
CA THR A 317 0.86 -11.34 -5.20
C THR A 317 1.32 -12.51 -4.34
N THR A 318 2.32 -12.27 -3.51
CA THR A 318 2.80 -13.30 -2.60
C THR A 318 1.75 -13.70 -1.57
N LEU A 319 1.20 -12.73 -0.83
CA LEU A 319 0.19 -13.04 0.17
C LEU A 319 -1.09 -13.62 -0.45
N ALA A 320 -1.44 -13.14 -1.65
CA ALA A 320 -2.61 -13.66 -2.35
C ALA A 320 -2.38 -15.11 -2.70
N MET A 321 -1.29 -15.38 -3.39
CA MET A 321 -0.98 -16.74 -3.84
C MET A 321 -0.80 -17.72 -2.68
N TYR A 322 -0.24 -17.21 -1.58
CA TYR A 322 -0.08 -17.99 -0.37
C TYR A 322 -1.43 -18.57 0.06
N GLU A 323 -2.48 -17.77 -0.05
CA GLU A 323 -3.82 -18.24 0.31
C GLU A 323 -4.31 -19.32 -0.65
N VAL A 324 -4.05 -19.13 -1.95
CA VAL A 324 -4.50 -20.08 -2.97
C VAL A 324 -3.82 -21.43 -2.75
N ILE A 325 -2.50 -21.41 -2.63
CA ILE A 325 -1.74 -22.62 -2.39
C ILE A 325 -2.30 -23.34 -1.15
N LYS A 326 -2.55 -22.61 -0.08
CA LYS A 326 -3.08 -23.19 1.16
C LYS A 326 -4.51 -23.73 1.00
N ALA A 327 -5.25 -23.17 0.05
CA ALA A 327 -6.61 -23.63 -0.26
C ALA A 327 -6.54 -24.88 -1.11
N GLY A 328 -5.37 -25.11 -1.70
CA GLY A 328 -5.18 -26.30 -2.51
C GLY A 328 -5.06 -25.99 -3.99
N GLY A 329 -4.83 -24.72 -4.31
CA GLY A 329 -4.73 -24.32 -5.70
C GLY A 329 -6.12 -24.21 -6.30
N PHE A 330 -6.18 -23.77 -7.55
CA PHE A 330 -7.45 -23.60 -8.23
C PHE A 330 -8.12 -24.91 -8.65
N THR A 331 -9.44 -24.90 -8.70
CA THR A 331 -10.19 -26.01 -9.25
C THR A 331 -10.85 -25.45 -10.50
N LYS A 332 -12.04 -24.87 -10.31
CA LYS A 332 -12.75 -24.28 -11.44
C LYS A 332 -12.62 -22.76 -11.39
N GLY A 333 -11.40 -22.26 -11.37
CA GLY A 333 -11.19 -20.82 -11.33
C GLY A 333 -9.76 -20.48 -11.68
N GLY A 334 -9.42 -19.19 -11.67
CA GLY A 334 -8.06 -18.80 -12.00
C GLY A 334 -7.82 -17.32 -11.85
N LEU A 335 -6.74 -16.82 -12.42
CA LEU A 335 -6.40 -15.43 -12.31
C LEU A 335 -6.85 -14.66 -13.53
N ASN A 336 -8.11 -14.25 -13.52
CA ASN A 336 -8.66 -13.44 -14.60
C ASN A 336 -8.16 -12.01 -14.44
N PHE A 337 -7.52 -11.47 -15.45
CA PHE A 337 -6.99 -10.11 -15.38
C PHE A 337 -8.07 -9.05 -15.56
N ASP A 338 -8.88 -8.87 -14.53
CA ASP A 338 -9.89 -7.84 -14.53
C ASP A 338 -9.20 -6.50 -14.25
N ALA A 339 -8.33 -6.11 -15.17
CA ALA A 339 -7.55 -4.89 -15.04
C ALA A 339 -7.55 -4.20 -16.40
N LYS A 340 -7.10 -2.95 -16.45
CA LYS A 340 -7.08 -2.19 -17.69
C LYS A 340 -5.88 -1.23 -17.72
N VAL A 341 -5.48 -0.84 -18.92
CA VAL A 341 -4.33 0.06 -19.08
C VAL A 341 -4.73 1.45 -18.64
N ARG A 342 -3.74 2.23 -18.19
CA ARG A 342 -3.99 3.62 -17.83
C ARG A 342 -4.44 4.32 -19.11
N ARG A 343 -5.25 5.35 -18.97
CA ARG A 343 -5.78 6.07 -20.13
C ARG A 343 -4.67 6.53 -21.09
N ALA A 344 -3.55 6.95 -20.52
CA ALA A 344 -2.40 7.43 -21.29
C ALA A 344 -1.56 6.28 -21.90
N SER A 345 -1.74 5.07 -21.40
CA SER A 345 -1.08 3.92 -22.00
C SER A 345 -2.04 3.44 -23.09
N TYR A 346 -2.21 4.28 -24.11
CA TYR A 346 -3.20 4.06 -25.15
C TYR A 346 -2.75 3.26 -26.37
N LYS A 347 -1.47 2.94 -26.46
CA LYS A 347 -0.98 2.18 -27.61
C LYS A 347 -1.17 0.68 -27.46
N VAL A 348 -1.34 -0.02 -28.57
CA VAL A 348 -1.60 -1.45 -28.58
C VAL A 348 -0.59 -2.30 -27.80
N GLU A 349 0.66 -1.86 -27.79
CA GLU A 349 1.77 -2.56 -27.17
C GLU A 349 1.63 -2.47 -25.66
N ASP A 350 0.97 -1.42 -25.19
CA ASP A 350 0.72 -1.26 -23.76
C ASP A 350 -0.25 -2.29 -23.23
N LEU A 351 -1.17 -2.75 -24.06
CA LEU A 351 -2.07 -3.83 -23.67
C LEU A 351 -1.23 -5.06 -23.34
N PHE A 352 -0.23 -5.30 -24.19
CA PHE A 352 0.64 -6.45 -24.04
C PHE A 352 1.54 -6.26 -22.84
N ILE A 353 2.21 -5.10 -22.79
CA ILE A 353 3.09 -4.77 -21.69
C ILE A 353 2.38 -4.89 -20.33
N GLY A 354 1.18 -4.35 -20.26
CA GLY A 354 0.38 -4.44 -19.05
C GLY A 354 0.14 -5.88 -18.62
N HIS A 355 -0.34 -6.71 -19.54
CA HIS A 355 -0.61 -8.11 -19.21
C HIS A 355 0.64 -8.91 -18.83
N ILE A 356 1.76 -8.60 -19.48
CA ILE A 356 3.00 -9.29 -19.19
C ILE A 356 3.44 -8.96 -17.76
N ALA A 357 3.40 -7.67 -17.41
CA ALA A 357 3.75 -7.21 -16.07
C ALA A 357 2.94 -7.96 -15.01
N GLY A 358 1.63 -8.04 -15.21
CA GLY A 358 0.79 -8.72 -14.25
C GLY A 358 1.13 -10.19 -14.11
N MET A 359 1.41 -10.83 -15.23
CA MET A 359 1.74 -12.24 -15.22
C MET A 359 3.07 -12.52 -14.54
N ASP A 360 4.06 -11.67 -14.78
CA ASP A 360 5.36 -11.80 -14.14
C ASP A 360 5.23 -11.68 -12.62
N THR A 361 4.59 -10.59 -12.18
CA THR A 361 4.38 -10.31 -10.77
C THR A 361 3.63 -11.45 -10.09
N PHE A 362 2.58 -11.95 -10.72
CA PHE A 362 1.87 -13.07 -10.12
C PHE A 362 2.67 -14.37 -10.13
N ALA A 363 3.49 -14.55 -11.16
CA ALA A 363 4.32 -15.75 -11.27
C ALA A 363 5.36 -15.75 -10.15
N LEU A 364 6.10 -14.65 -10.05
CA LEU A 364 7.11 -14.49 -9.02
C LEU A 364 6.49 -14.67 -7.62
N GLY A 365 5.36 -14.01 -7.39
CA GLY A 365 4.67 -14.10 -6.11
C GLY A 365 4.30 -15.53 -5.79
N PHE A 366 3.81 -16.25 -6.79
CA PHE A 366 3.48 -17.66 -6.64
C PHE A 366 4.71 -18.44 -6.15
N LYS A 367 5.87 -18.12 -6.73
CA LYS A 367 7.09 -18.81 -6.37
C LYS A 367 7.54 -18.50 -4.93
N VAL A 368 7.40 -17.23 -4.53
CA VAL A 368 7.75 -16.83 -3.15
C VAL A 368 6.82 -17.55 -2.17
N ALA A 369 5.53 -17.56 -2.48
CA ALA A 369 4.54 -18.20 -1.62
C ALA A 369 4.80 -19.70 -1.55
N TYR A 370 5.23 -20.26 -2.68
CA TYR A 370 5.52 -21.69 -2.75
C TYR A 370 6.63 -22.07 -1.76
N LYS A 371 7.67 -21.24 -1.67
CA LYS A 371 8.72 -21.49 -0.69
C LYS A 371 8.23 -21.32 0.74
N LEU A 372 7.58 -20.19 1.03
CA LEU A 372 6.99 -19.96 2.35
C LEU A 372 6.22 -21.19 2.80
N VAL A 373 5.37 -21.70 1.92
CA VAL A 373 4.54 -22.85 2.24
C VAL A 373 5.31 -24.15 2.39
N LYS A 374 6.35 -24.31 1.58
CA LYS A 374 7.17 -25.53 1.63
C LYS A 374 8.03 -25.60 2.90
N ASP A 375 8.83 -24.57 3.13
CA ASP A 375 9.65 -24.49 4.34
C ASP A 375 8.75 -24.46 5.57
N GLY A 376 7.47 -24.17 5.36
CA GLY A 376 6.50 -24.11 6.44
C GLY A 376 6.86 -23.10 7.51
N VAL A 377 7.64 -22.09 7.17
CA VAL A 377 8.14 -21.11 8.12
C VAL A 377 7.06 -20.41 8.95
N LEU A 378 6.00 -19.96 8.29
CA LEU A 378 4.89 -19.30 9.00
C LEU A 378 4.06 -20.30 9.81
N ASP A 379 3.79 -21.47 9.22
CA ASP A 379 2.97 -22.49 9.89
C ASP A 379 3.57 -22.97 11.21
N LYS A 380 4.89 -22.98 11.29
CA LYS A 380 5.56 -23.40 12.52
C LYS A 380 5.38 -22.35 13.60
N PHE A 381 5.65 -21.09 13.28
CA PHE A 381 5.45 -20.01 14.24
C PHE A 381 4.02 -20.03 14.82
N ILE A 382 3.04 -20.24 13.95
CA ILE A 382 1.64 -20.27 14.36
C ILE A 382 1.33 -21.48 15.24
N GLU A 383 1.86 -22.64 14.86
CA GLU A 383 1.71 -23.87 15.64
C GLU A 383 2.29 -23.68 17.06
N GLU A 384 3.42 -22.98 17.15
CA GLU A 384 4.05 -22.71 18.43
C GLU A 384 3.26 -21.65 19.21
N LYS A 385 2.74 -20.64 18.52
CA LYS A 385 1.99 -19.55 19.15
C LYS A 385 0.72 -20.00 19.88
N TYR A 386 -0.01 -20.98 19.34
CA TYR A 386 -1.27 -21.46 19.94
C TYR A 386 -1.09 -22.79 20.67
N ARG A 387 0.16 -23.08 21.02
CA ARG A 387 0.58 -24.31 21.67
C ARG A 387 -0.24 -24.70 22.89
N SER A 388 -0.52 -23.75 23.78
CA SER A 388 -1.24 -24.06 25.02
C SER A 388 -2.61 -24.65 24.83
N PHE A 389 -3.14 -24.63 23.62
CA PHE A 389 -4.45 -25.22 23.37
C PHE A 389 -4.35 -26.70 23.06
N ARG A 390 -3.12 -27.21 23.01
CA ARG A 390 -2.86 -28.63 22.81
C ARG A 390 -2.63 -29.31 24.18
N GLU A 391 -1.85 -28.66 25.05
CA GLU A 391 -1.58 -29.15 26.40
C GLU A 391 -2.70 -28.76 27.39
N GLY A 392 -2.63 -29.34 28.59
CA GLY A 392 -3.51 -29.00 29.70
C GLY A 392 -4.96 -28.60 29.50
N ILE A 393 -5.37 -27.59 30.27
CA ILE A 393 -6.73 -27.05 30.26
C ILE A 393 -7.08 -26.55 28.86
N GLY A 394 -6.07 -26.10 28.12
CA GLY A 394 -6.26 -25.67 26.75
C GLY A 394 -7.04 -26.68 25.94
N ARG A 395 -6.59 -27.93 25.94
CA ARG A 395 -7.27 -29.00 25.21
C ARG A 395 -8.65 -29.28 25.80
N ASP A 396 -8.77 -29.20 27.13
CA ASP A 396 -10.05 -29.42 27.78
C ASP A 396 -11.05 -28.43 27.19
N ILE A 397 -10.60 -27.20 27.01
CA ILE A 397 -11.40 -26.14 26.44
C ILE A 397 -11.85 -26.50 25.04
N VAL A 398 -10.89 -26.75 24.15
CA VAL A 398 -11.19 -27.10 22.76
C VAL A 398 -12.12 -28.31 22.63
N GLU A 399 -11.82 -29.38 23.37
CA GLU A 399 -12.62 -30.60 23.33
C GLU A 399 -14.02 -30.38 23.91
N GLY A 400 -14.14 -29.41 24.82
CA GLY A 400 -15.45 -29.09 25.38
C GLY A 400 -15.72 -29.74 26.72
N LYS A 401 -14.66 -30.06 27.46
CA LYS A 401 -14.79 -30.66 28.78
C LYS A 401 -14.98 -29.56 29.83
N VAL A 402 -14.59 -28.35 29.48
CA VAL A 402 -14.65 -27.22 30.39
C VAL A 402 -15.92 -26.36 30.27
N ASP A 403 -16.23 -25.63 31.34
CA ASP A 403 -17.30 -24.63 31.37
C ASP A 403 -16.78 -23.44 32.18
N PHE A 404 -17.58 -22.39 32.35
CA PHE A 404 -17.16 -21.19 33.08
C PHE A 404 -16.78 -21.51 34.51
N GLU A 405 -17.58 -22.35 35.15
CA GLU A 405 -17.35 -22.70 36.53
C GLU A 405 -16.01 -23.41 36.73
N LYS A 406 -15.74 -24.42 35.91
CA LYS A 406 -14.47 -25.12 35.97
C LYS A 406 -13.31 -24.19 35.60
N LEU A 407 -13.57 -23.24 34.70
CA LEU A 407 -12.55 -22.28 34.31
C LEU A 407 -12.28 -21.28 35.41
N GLU A 408 -13.32 -20.91 36.16
CA GLU A 408 -13.14 -20.00 37.29
C GLU A 408 -12.27 -20.70 38.34
N GLU A 409 -12.58 -21.96 38.59
CA GLU A 409 -11.83 -22.77 39.56
C GLU A 409 -10.34 -22.82 39.19
N TYR A 410 -10.06 -23.21 37.93
CA TYR A 410 -8.68 -23.28 37.44
C TYR A 410 -7.91 -21.98 37.57
N ILE A 411 -8.59 -20.86 37.32
CA ILE A 411 -7.91 -19.57 37.22
C ILE A 411 -8.02 -18.64 38.43
N ILE A 412 -9.01 -18.90 39.30
CA ILE A 412 -9.30 -18.04 40.46
C ILE A 412 -8.09 -17.46 41.20
N ASP A 413 -7.02 -18.22 41.33
CA ASP A 413 -5.84 -17.77 42.08
C ASP A 413 -4.55 -17.51 41.29
N LYS A 414 -4.53 -17.85 40.01
CA LYS A 414 -3.32 -17.65 39.21
C LYS A 414 -2.95 -16.15 39.17
N GLU A 415 -1.76 -15.84 39.65
CA GLU A 415 -1.29 -14.46 39.72
C GLU A 415 -0.78 -13.91 38.38
N THR A 416 0.31 -14.48 37.86
CA THR A 416 0.85 -14.02 36.58
C THR A 416 0.63 -15.01 35.45
N ILE A 417 0.33 -14.48 34.28
CA ILE A 417 0.08 -15.28 33.09
C ILE A 417 1.15 -14.91 32.07
N GLU A 418 1.82 -15.91 31.52
CA GLU A 418 2.91 -15.69 30.56
C GLU A 418 2.39 -15.62 29.11
N LEU A 419 2.83 -14.59 28.39
CA LEU A 419 2.39 -14.37 27.01
C LEU A 419 3.54 -14.31 25.99
N PRO A 420 3.30 -14.82 24.78
CA PRO A 420 4.34 -14.79 23.74
C PRO A 420 4.33 -13.43 23.08
N SER A 421 5.46 -13.03 22.52
CA SER A 421 5.53 -11.82 21.71
C SER A 421 4.75 -12.12 20.42
N GLY A 422 4.31 -11.08 19.73
CA GLY A 422 3.55 -11.28 18.50
C GLY A 422 4.48 -11.45 17.32
N LYS A 423 5.68 -10.90 17.44
CA LYS A 423 6.73 -11.01 16.44
C LYS A 423 6.42 -10.42 15.05
N GLN A 424 5.42 -9.55 14.96
CA GLN A 424 5.07 -8.99 13.66
C GLN A 424 6.25 -8.39 12.89
N GLU A 425 7.07 -7.58 13.57
CA GLU A 425 8.24 -7.02 12.90
C GLU A 425 9.15 -8.13 12.37
N TYR A 426 9.23 -9.23 13.11
CA TYR A 426 10.03 -10.36 12.69
C TYR A 426 9.42 -11.03 11.45
N LEU A 427 8.16 -11.44 11.54
CA LEU A 427 7.50 -12.10 10.41
C LEU A 427 7.58 -11.30 9.10
N GLU A 428 7.45 -9.98 9.19
CA GLU A 428 7.51 -9.15 8.00
C GLU A 428 8.90 -9.17 7.36
N SER A 429 9.94 -9.12 8.18
CA SER A 429 11.29 -9.18 7.66
C SER A 429 11.45 -10.53 6.94
N LEU A 430 10.78 -11.55 7.45
CA LEU A 430 10.84 -12.87 6.83
C LEU A 430 10.34 -12.86 5.40
N ILE A 431 9.20 -12.22 5.17
CA ILE A 431 8.66 -12.12 3.83
C ILE A 431 9.71 -11.50 2.91
N ASN A 432 10.48 -10.55 3.43
CA ASN A 432 11.54 -9.95 2.65
C ASN A 432 12.65 -10.95 2.33
N SER A 433 13.00 -11.75 3.33
CA SER A 433 14.05 -12.75 3.13
C SER A 433 13.64 -13.78 2.09
N TYR A 434 12.39 -14.22 2.11
CA TYR A 434 11.94 -15.16 1.11
C TYR A 434 11.83 -14.56 -0.28
N ILE A 435 11.60 -13.26 -0.37
CA ILE A 435 11.60 -12.62 -1.67
C ILE A 435 13.03 -12.67 -2.22
N VAL A 436 13.99 -12.39 -1.35
CA VAL A 436 15.40 -12.42 -1.75
C VAL A 436 15.86 -13.85 -2.06
N LYS A 437 15.47 -14.81 -1.23
CA LYS A 437 15.81 -16.23 -1.45
C LYS A 437 15.36 -16.70 -2.82
N THR A 438 14.08 -16.48 -3.12
CA THR A 438 13.47 -16.94 -4.37
C THR A 438 14.12 -16.30 -5.59
N ILE A 439 14.40 -15.01 -5.52
CA ILE A 439 15.03 -14.31 -6.62
C ILE A 439 16.38 -14.93 -6.98
N LEU A 440 17.12 -15.38 -5.96
CA LEU A 440 18.41 -16.01 -6.18
C LEU A 440 18.31 -17.37 -6.88
N GLU A 441 17.16 -18.04 -6.75
CA GLU A 441 16.93 -19.33 -7.40
C GLU A 441 16.25 -19.16 -8.75
N LEU A 442 16.07 -17.92 -9.17
CA LEU A 442 15.39 -17.62 -10.42
C LEU A 442 16.31 -17.75 -11.63
N ARG A 443 15.75 -18.25 -12.72
CA ARG A 443 16.49 -18.41 -13.96
C ARG A 443 16.25 -17.18 -14.84
N ALA B 1 26.81 -4.48 28.59
CA ALA B 1 25.75 -5.48 28.55
C ALA B 1 24.92 -5.48 29.84
N GLU B 2 24.92 -4.37 30.57
CA GLU B 2 24.18 -4.27 31.83
C GLU B 2 22.66 -4.33 31.59
N PHE B 3 22.14 -3.46 30.71
CA PHE B 3 20.70 -3.35 30.49
C PHE B 3 20.12 -4.47 29.67
N PHE B 4 20.74 -4.74 28.52
CA PHE B 4 20.28 -5.80 27.62
C PHE B 4 21.38 -6.84 27.55
N PRO B 5 21.65 -7.56 28.65
CA PRO B 5 22.71 -8.57 28.66
C PRO B 5 22.56 -9.68 27.61
N GLU B 6 21.32 -10.05 27.32
CA GLU B 6 21.05 -11.11 26.34
C GLU B 6 21.21 -10.71 24.87
N ILE B 7 21.42 -9.41 24.60
CA ILE B 7 21.61 -8.94 23.23
C ILE B 7 23.06 -8.55 22.98
N PRO B 8 23.69 -9.17 21.97
CA PRO B 8 25.09 -8.88 21.61
C PRO B 8 25.11 -7.72 20.63
N LYS B 9 26.28 -7.12 20.42
CA LYS B 9 26.40 -6.07 19.42
C LYS B 9 26.06 -6.73 18.09
N VAL B 10 25.22 -6.07 17.30
CA VAL B 10 24.78 -6.59 16.01
C VAL B 10 25.75 -6.35 14.87
N GLN B 11 25.95 -7.39 14.08
CA GLN B 11 26.87 -7.40 12.96
C GLN B 11 26.15 -7.85 11.67
N PHE B 12 26.78 -7.56 10.53
CA PHE B 12 26.29 -7.93 9.22
C PHE B 12 26.49 -9.44 8.99
N GLU B 13 25.46 -10.11 8.49
CA GLU B 13 25.55 -11.54 8.27
C GLU B 13 25.18 -11.91 6.82
N GLY B 14 24.84 -10.92 6.00
CA GLY B 14 24.57 -11.17 4.59
C GLY B 14 23.16 -11.62 4.21
N LYS B 15 22.87 -11.48 2.92
CA LYS B 15 21.57 -11.76 2.35
C LYS B 15 20.86 -13.06 2.70
N GLU B 16 21.63 -14.12 2.89
CA GLU B 16 21.03 -15.41 3.21
C GLU B 16 20.97 -15.69 4.72
N SER B 17 21.40 -14.73 5.54
CA SER B 17 21.38 -14.91 6.97
C SER B 17 20.00 -15.24 7.48
N THR B 18 19.97 -16.03 8.55
CA THR B 18 18.73 -16.57 9.10
C THR B 18 18.45 -16.01 10.50
N ASN B 19 19.51 -15.57 11.18
CA ASN B 19 19.44 -15.05 12.55
C ASN B 19 18.78 -13.67 12.61
N PRO B 20 17.65 -13.56 13.36
CA PRO B 20 16.90 -12.31 13.50
C PRO B 20 17.65 -11.15 14.15
N LEU B 21 18.79 -11.43 14.77
CA LEU B 21 19.58 -10.36 15.39
C LEU B 21 20.79 -10.04 14.53
N ALA B 22 20.62 -10.16 13.22
CA ALA B 22 21.70 -9.89 12.27
C ALA B 22 21.20 -9.03 11.13
N PHE B 23 22.06 -8.13 10.65
CA PHE B 23 21.73 -7.33 9.47
C PHE B 23 21.88 -8.20 8.23
N LYS B 24 20.86 -8.20 7.37
CA LYS B 24 20.97 -8.96 6.12
C LYS B 24 21.40 -8.08 4.96
N PHE B 25 21.06 -6.79 5.01
CA PHE B 25 21.36 -5.89 3.89
C PHE B 25 22.19 -4.70 4.35
N TYR B 26 22.08 -4.36 5.63
CA TYR B 26 22.81 -3.22 6.14
C TYR B 26 24.21 -3.56 6.63
N ASP B 27 25.20 -3.16 5.86
CA ASP B 27 26.60 -3.29 6.24
C ASP B 27 27.04 -1.87 6.55
N PRO B 28 27.09 -1.50 7.83
CA PRO B 28 27.48 -0.15 8.25
C PRO B 28 28.75 0.33 7.59
N GLU B 29 29.73 -0.58 7.48
CA GLU B 29 31.06 -0.22 7.01
C GLU B 29 31.26 -0.10 5.51
N GLU B 30 30.46 -0.84 4.74
CA GLU B 30 30.58 -0.84 3.28
C GLU B 30 30.64 0.56 2.67
N ILE B 31 31.73 0.86 1.99
CA ILE B 31 31.88 2.17 1.36
C ILE B 31 31.28 2.28 -0.04
N ILE B 32 30.53 3.36 -0.25
CA ILE B 32 29.91 3.68 -1.53
C ILE B 32 30.30 5.13 -1.81
N ASP B 33 30.97 5.36 -2.94
CA ASP B 33 31.45 6.70 -3.33
C ASP B 33 32.39 7.33 -2.29
N GLY B 34 33.20 6.51 -1.64
CA GLY B 34 34.13 7.04 -0.64
C GLY B 34 33.56 7.32 0.74
N LYS B 35 32.36 6.82 1.00
CA LYS B 35 31.68 7.02 2.28
C LYS B 35 31.17 5.67 2.75
N PRO B 36 31.34 5.38 4.07
CA PRO B 36 30.80 4.10 4.51
C PRO B 36 29.27 4.22 4.39
N LEU B 37 28.58 3.10 4.26
CA LEU B 37 27.13 3.12 4.09
C LEU B 37 26.43 3.87 5.23
N LYS B 38 27.02 3.82 6.43
CA LYS B 38 26.44 4.47 7.60
C LYS B 38 26.36 5.99 7.46
N ASP B 39 27.21 6.55 6.61
CA ASP B 39 27.22 8.00 6.42
C ASP B 39 26.27 8.47 5.35
N HIS B 40 25.75 7.52 4.57
CA HIS B 40 24.72 7.85 3.59
C HIS B 40 23.38 7.87 4.31
N LEU B 41 23.16 6.84 5.12
CA LEU B 41 21.88 6.63 5.77
C LEU B 41 21.64 7.43 7.04
N LYS B 42 22.68 7.62 7.85
CA LYS B 42 22.57 8.38 9.09
C LYS B 42 21.37 7.97 9.96
N PHE B 43 21.20 6.66 10.14
CA PHE B 43 20.15 6.14 10.99
C PHE B 43 20.21 6.78 12.39
N SER B 44 19.05 6.99 12.99
CA SER B 44 18.94 7.59 14.31
C SER B 44 17.81 6.97 15.10
N VAL B 45 17.94 6.92 16.43
CA VAL B 45 16.85 6.42 17.27
C VAL B 45 16.04 7.57 17.84
N ALA B 46 14.74 7.33 17.98
CA ALA B 46 13.82 8.27 18.57
C ALA B 46 13.67 7.88 20.05
N PHE B 47 14.11 8.78 20.94
CA PHE B 47 14.07 8.54 22.39
C PHE B 47 12.66 8.23 22.87
N TRP B 48 11.69 8.98 22.37
CA TRP B 48 10.30 8.83 22.78
C TRP B 48 9.71 7.43 22.58
N HIS B 49 9.80 6.91 21.35
CA HIS B 49 9.21 5.61 21.06
C HIS B 49 9.96 4.45 21.67
N THR B 50 11.28 4.53 21.67
CA THR B 50 12.11 3.42 22.13
C THR B 50 12.27 3.32 23.63
N PHE B 51 12.53 4.45 24.28
CA PHE B 51 12.81 4.42 25.71
C PHE B 51 11.68 4.83 26.63
N VAL B 52 10.86 5.78 26.20
CA VAL B 52 9.74 6.23 27.01
C VAL B 52 8.46 5.42 26.79
N ASN B 53 8.12 5.18 25.53
CA ASN B 53 6.91 4.45 25.14
C ASN B 53 6.86 3.00 25.66
N GLU B 54 5.70 2.58 26.15
CA GLU B 54 5.55 1.22 26.67
C GLU B 54 4.38 0.41 26.15
N GLY B 55 3.84 0.80 24.99
CA GLY B 55 2.82 -0.03 24.38
C GLY B 55 1.39 0.30 24.78
N ARG B 56 1.19 1.46 25.39
CA ARG B 56 -0.15 1.89 25.77
C ARG B 56 -0.88 2.36 24.51
N ASP B 57 -2.12 1.90 24.32
CA ASP B 57 -2.97 2.42 23.24
C ASP B 57 -4.26 2.94 23.85
N PRO B 58 -5.06 3.70 23.09
CA PRO B 58 -6.32 4.24 23.66
C PRO B 58 -7.24 3.28 24.39
N PHE B 59 -7.14 1.99 24.09
CA PHE B 59 -8.01 1.01 24.73
C PHE B 59 -7.29 0.10 25.69
N GLY B 60 -5.98 0.28 25.85
CA GLY B 60 -5.23 -0.65 26.68
C GLY B 60 -4.04 -0.11 27.45
N ASP B 61 -3.65 -0.85 28.48
CA ASP B 61 -2.52 -0.48 29.33
C ASP B 61 -1.19 -0.81 28.66
N PRO B 62 -0.08 -0.24 29.17
CA PRO B 62 1.23 -0.52 28.60
C PRO B 62 1.58 -2.00 28.78
N THR B 63 2.32 -2.54 27.81
CA THR B 63 2.65 -3.96 27.75
C THR B 63 4.15 -4.23 27.81
N ALA B 64 4.93 -3.23 27.40
CA ALA B 64 6.37 -3.33 27.32
C ALA B 64 7.06 -3.87 28.57
N ASP B 65 8.05 -4.72 28.35
CA ASP B 65 8.86 -5.27 29.41
C ASP B 65 10.19 -4.55 29.24
N ARG B 66 10.46 -3.57 30.11
CA ARG B 66 11.70 -2.82 30.02
C ARG B 66 12.48 -2.88 31.34
N PRO B 67 13.81 -3.03 31.27
CA PRO B 67 14.70 -3.11 32.44
C PRO B 67 14.56 -1.95 33.43
N TRP B 68 14.61 -0.72 32.93
CA TRP B 68 14.50 0.46 33.79
C TRP B 68 13.17 0.63 34.55
N ASN B 69 12.26 -0.33 34.40
CA ASN B 69 10.97 -0.23 35.08
C ASN B 69 10.95 -0.62 36.56
N ARG B 70 12.07 -1.09 37.07
CA ARG B 70 12.20 -1.40 38.48
C ARG B 70 12.38 -0.10 39.26
N TYR B 71 13.18 0.82 38.73
CA TYR B 71 13.37 2.12 39.34
C TYR B 71 12.03 2.84 39.38
N THR B 72 11.53 3.07 40.58
CA THR B 72 10.25 3.74 40.76
C THR B 72 10.45 5.26 40.99
N ASP B 73 11.66 5.64 41.37
CA ASP B 73 12.01 7.05 41.52
C ASP B 73 12.16 7.66 40.12
N PRO B 74 11.29 8.60 39.75
CA PRO B 74 11.31 9.27 38.44
C PRO B 74 12.71 9.64 37.92
N MET B 75 13.57 10.15 38.78
CA MET B 75 14.93 10.52 38.38
C MET B 75 15.84 9.32 38.10
N ASP B 76 15.70 8.26 38.89
CA ASP B 76 16.49 7.05 38.68
C ASP B 76 16.16 6.49 37.31
N LYS B 77 14.87 6.51 36.99
CA LYS B 77 14.35 6.06 35.70
C LYS B 77 14.92 6.95 34.58
N ALA B 78 14.88 8.26 34.77
CA ALA B 78 15.38 9.20 33.77
C ALA B 78 16.85 8.92 33.46
N PHE B 79 17.62 8.55 34.47
CA PHE B 79 19.05 8.29 34.29
C PHE B 79 19.27 6.90 33.74
N ALA B 80 18.45 5.96 34.19
CA ALA B 80 18.54 4.59 33.71
C ALA B 80 18.33 4.59 32.19
N ARG B 81 17.39 5.40 31.71
CA ARG B 81 17.08 5.52 30.29
C ARG B 81 18.21 6.10 29.47
N VAL B 82 18.90 7.09 30.01
CA VAL B 82 20.03 7.68 29.31
C VAL B 82 21.11 6.62 29.11
N ASP B 83 21.29 5.75 30.10
CA ASP B 83 22.31 4.73 29.99
C ASP B 83 21.88 3.72 28.95
N ALA B 84 20.62 3.31 29.00
CA ALA B 84 20.10 2.32 28.06
C ALA B 84 20.23 2.84 26.62
N LEU B 85 19.96 4.13 26.44
CA LEU B 85 20.08 4.78 25.15
C LEU B 85 21.41 4.42 24.50
N PHE B 86 22.51 4.79 25.17
CA PHE B 86 23.83 4.56 24.61
C PHE B 86 24.21 3.09 24.41
N GLU B 87 23.73 2.22 25.28
CA GLU B 87 24.00 0.80 25.12
C GLU B 87 23.26 0.31 23.88
N PHE B 88 22.01 0.74 23.75
CA PHE B 88 21.15 0.40 22.62
C PHE B 88 21.84 0.80 21.31
N CYS B 89 22.27 2.05 21.22
CA CYS B 89 22.92 2.54 20.01
C CYS B 89 24.21 1.79 19.71
N GLU B 90 24.95 1.44 20.77
CA GLU B 90 26.21 0.76 20.60
C GLU B 90 25.97 -0.62 19.96
N LYS B 91 25.11 -1.42 20.58
CA LYS B 91 24.82 -2.75 20.07
C LYS B 91 24.17 -2.71 18.70
N LEU B 92 23.22 -1.80 18.52
CA LEU B 92 22.51 -1.72 17.24
C LEU B 92 23.28 -0.94 16.18
N ASN B 93 24.46 -0.43 16.55
CA ASN B 93 25.35 0.23 15.60
C ASN B 93 24.93 1.65 15.15
N ILE B 94 24.13 2.32 15.96
CA ILE B 94 23.62 3.64 15.61
C ILE B 94 24.43 4.79 16.21
N GLU B 95 24.55 5.87 15.45
CA GLU B 95 25.37 7.01 15.84
C GLU B 95 24.61 8.31 16.05
N TYR B 96 23.29 8.26 15.94
CA TYR B 96 22.48 9.46 16.15
C TYR B 96 21.22 9.13 16.92
N PHE B 97 20.75 10.07 17.72
CA PHE B 97 19.48 9.93 18.42
C PHE B 97 18.81 11.30 18.40
N CYS B 98 17.49 11.29 18.59
CA CYS B 98 16.68 12.51 18.66
C CYS B 98 15.83 12.43 19.91
N PHE B 99 15.52 13.57 20.51
CA PHE B 99 14.73 13.55 21.74
C PHE B 99 13.88 14.81 21.89
N HIS B 100 12.83 14.69 22.67
CA HIS B 100 12.06 15.83 23.12
C HIS B 100 12.63 16.18 24.47
N ASP B 101 12.59 17.47 24.80
CA ASP B 101 13.03 17.94 26.12
C ASP B 101 12.30 17.23 27.25
N ARG B 102 11.03 16.89 27.04
CA ARG B 102 10.23 16.25 28.08
C ARG B 102 10.36 14.74 28.08
N ASP B 103 11.15 14.20 27.14
CA ASP B 103 11.40 12.76 27.09
C ASP B 103 12.47 12.43 28.13
N ILE B 104 13.49 13.28 28.21
CA ILE B 104 14.66 13.02 29.02
C ILE B 104 14.61 13.34 30.51
N ALA B 105 13.72 14.24 30.92
CA ALA B 105 13.68 14.68 32.31
C ALA B 105 12.28 15.07 32.78
N PRO B 106 11.84 14.50 33.91
CA PRO B 106 10.51 14.79 34.49
C PRO B 106 10.33 16.28 34.75
N GLU B 107 9.10 16.73 34.84
CA GLU B 107 8.80 18.15 35.01
C GLU B 107 8.64 18.55 36.48
N GLY B 108 8.99 19.79 36.78
CA GLY B 108 8.82 20.33 38.12
C GLY B 108 7.53 21.12 38.26
N LYS B 109 7.37 21.80 39.39
CA LYS B 109 6.16 22.59 39.62
C LYS B 109 6.20 23.92 38.88
N THR B 110 7.41 24.42 38.60
CA THR B 110 7.57 25.66 37.85
C THR B 110 8.54 25.41 36.71
N LEU B 111 8.58 26.33 35.74
CA LEU B 111 9.52 26.21 34.64
C LEU B 111 10.94 26.17 35.16
N ARG B 112 11.25 27.03 36.14
CA ARG B 112 12.59 27.10 36.76
C ARG B 112 13.02 25.76 37.32
N GLU B 113 12.14 25.17 38.11
CA GLU B 113 12.31 23.84 38.69
C GLU B 113 12.62 22.87 37.55
N THR B 114 11.71 22.81 36.59
CA THR B 114 11.78 21.94 35.42
C THR B 114 13.12 22.07 34.70
N ASN B 115 13.56 23.29 34.45
CA ASN B 115 14.84 23.52 33.78
C ASN B 115 16.02 22.97 34.60
N LYS B 116 16.02 23.20 35.91
CA LYS B 116 17.05 22.66 36.81
C LYS B 116 17.13 21.16 36.64
N ILE B 117 16.00 20.47 36.84
CA ILE B 117 15.91 19.03 36.69
C ILE B 117 16.43 18.60 35.31
N LEU B 118 16.08 19.37 34.30
CA LEU B 118 16.49 19.10 32.94
C LEU B 118 18.00 19.13 32.78
N ASP B 119 18.65 20.15 33.35
CA ASP B 119 20.11 20.27 33.29
C ASP B 119 20.82 19.04 33.87
N LYS B 120 20.27 18.48 34.94
CA LYS B 120 20.84 17.30 35.57
C LYS B 120 21.01 16.17 34.56
N VAL B 121 19.95 15.85 33.82
CA VAL B 121 20.05 14.76 32.84
C VAL B 121 20.87 15.15 31.60
N VAL B 122 20.79 16.41 31.18
CA VAL B 122 21.56 16.84 30.02
C VAL B 122 23.04 16.63 30.25
N GLU B 123 23.51 16.96 31.46
CA GLU B 123 24.91 16.78 31.82
C GLU B 123 25.30 15.30 31.73
N ARG B 124 24.47 14.40 32.26
CA ARG B 124 24.76 12.98 32.18
C ARG B 124 24.80 12.51 30.73
N ILE B 125 23.93 13.08 29.90
CA ILE B 125 23.91 12.73 28.47
C ILE B 125 25.21 13.13 27.79
N LYS B 126 25.75 14.29 28.17
CA LYS B 126 26.98 14.80 27.56
C LYS B 126 28.23 13.99 27.92
N GLU B 127 28.27 13.46 29.14
CA GLU B 127 29.39 12.63 29.58
C GLU B 127 29.42 11.35 28.74
N ARG B 128 28.33 10.59 28.79
CA ARG B 128 28.23 9.36 28.03
C ARG B 128 28.39 9.61 26.53
N MET B 129 28.04 10.82 26.08
CA MET B 129 28.18 11.19 24.67
C MET B 129 29.63 11.21 24.24
N LYS B 130 30.45 11.99 24.93
CA LYS B 130 31.88 12.08 24.63
C LYS B 130 32.63 10.78 24.87
N ASP B 131 32.11 9.93 25.74
CA ASP B 131 32.67 8.61 25.99
C ASP B 131 32.28 7.67 24.83
N SER B 132 31.24 8.06 24.09
CA SER B 132 30.75 7.28 22.96
C SER B 132 30.92 8.03 21.63
N ASN B 133 30.24 7.56 20.60
CA ASN B 133 30.31 8.18 19.28
C ASN B 133 28.93 8.65 18.82
N VAL B 134 27.89 8.39 19.61
CA VAL B 134 26.54 8.82 19.26
C VAL B 134 26.42 10.34 19.35
N LYS B 135 25.65 10.93 18.43
CA LYS B 135 25.47 12.36 18.39
C LYS B 135 23.99 12.71 18.39
N LEU B 136 23.70 14.00 18.51
CA LEU B 136 22.34 14.49 18.47
C LEU B 136 22.04 14.93 17.04
N LEU B 137 21.14 14.20 16.39
CA LEU B 137 20.71 14.58 15.04
C LEU B 137 19.88 15.85 15.18
N TRP B 138 18.77 15.77 15.90
CA TRP B 138 17.99 16.96 16.19
C TRP B 138 17.26 16.88 17.52
N GLY B 139 17.01 18.05 18.09
CA GLY B 139 16.25 18.13 19.31
C GLY B 139 14.95 18.87 19.04
N THR B 140 14.03 18.79 19.99
CA THR B 140 12.74 19.45 19.85
C THR B 140 12.05 19.55 21.20
N ALA B 141 11.18 20.55 21.31
CA ALA B 141 10.40 20.78 22.51
C ALA B 141 9.03 20.10 22.39
N ASN B 142 8.61 19.39 23.42
CA ASN B 142 7.28 18.78 23.43
C ASN B 142 6.30 19.88 23.82
N LEU B 143 5.58 20.41 22.84
CA LEU B 143 4.58 21.46 23.09
C LEU B 143 3.16 20.92 22.88
N PHE B 144 2.90 19.69 23.30
CA PHE B 144 1.57 19.12 23.09
C PHE B 144 1.04 18.21 24.18
N SER B 145 1.93 17.58 24.96
CA SER B 145 1.49 16.64 26.00
C SER B 145 0.82 17.26 27.22
N HIS B 146 1.44 18.29 27.77
CA HIS B 146 0.96 18.93 28.99
C HIS B 146 -0.34 19.71 28.79
N PRO B 147 -1.35 19.50 29.67
CA PRO B 147 -2.67 20.14 29.61
C PRO B 147 -2.65 21.62 29.21
N ARG B 148 -1.60 22.31 29.62
CA ARG B 148 -1.38 23.71 29.31
C ARG B 148 -1.57 23.98 27.80
N TYR B 149 -1.28 22.99 26.97
CA TYR B 149 -1.33 23.14 25.52
C TYR B 149 -2.58 22.61 24.84
N MET B 150 -3.61 22.36 25.63
CA MET B 150 -4.87 21.84 25.10
C MET B 150 -5.46 22.69 23.99
N HIS B 151 -5.17 24.00 23.99
CA HIS B 151 -5.66 24.89 22.93
C HIS B 151 -4.53 25.30 22.00
N GLY B 152 -3.42 24.57 22.07
CA GLY B 152 -2.26 24.90 21.25
C GLY B 152 -1.15 25.54 22.06
N ALA B 153 -0.04 25.81 21.38
CA ALA B 153 1.10 26.48 22.00
C ALA B 153 1.17 27.91 21.45
N ALA B 154 1.81 28.09 20.30
CA ALA B 154 1.87 29.40 19.68
C ALA B 154 0.49 29.87 19.25
N THR B 155 -0.41 28.92 19.00
CA THR B 155 -1.78 29.23 18.56
C THR B 155 -2.79 29.13 19.69
N THR B 156 -2.31 29.19 20.93
CA THR B 156 -3.17 29.12 22.11
C THR B 156 -3.99 30.41 22.20
N CYS B 157 -5.03 30.39 23.03
CA CYS B 157 -5.83 31.58 23.25
C CYS B 157 -5.39 32.28 24.54
N SER B 158 -4.39 31.72 25.22
CA SER B 158 -3.88 32.29 26.47
C SER B 158 -2.46 32.77 26.31
N ALA B 159 -2.23 34.06 26.52
CA ALA B 159 -0.90 34.64 26.40
C ALA B 159 0.11 34.02 27.38
N ASP B 160 -0.36 33.54 28.52
CA ASP B 160 0.52 32.88 29.48
C ASP B 160 1.11 31.64 28.84
N VAL B 161 0.27 30.85 28.19
CA VAL B 161 0.72 29.65 27.49
C VAL B 161 1.70 30.04 26.38
N PHE B 162 1.39 31.09 25.63
CA PHE B 162 2.30 31.53 24.57
C PHE B 162 3.67 31.77 25.18
N ALA B 163 3.69 32.48 26.31
CA ALA B 163 4.91 32.80 27.04
C ALA B 163 5.67 31.55 27.50
N TYR B 164 4.95 30.64 28.15
CA TYR B 164 5.55 29.39 28.59
C TYR B 164 6.19 28.67 27.40
N ALA B 165 5.44 28.56 26.30
CA ALA B 165 5.91 27.89 25.09
C ALA B 165 7.17 28.55 24.53
N ALA B 166 7.21 29.88 24.52
CA ALA B 166 8.39 30.59 24.04
C ALA B 166 9.61 30.29 24.93
N ALA B 167 9.37 30.27 26.24
CA ALA B 167 10.41 29.98 27.23
C ALA B 167 10.95 28.56 27.09
N GLN B 168 10.03 27.60 26.91
CA GLN B 168 10.40 26.20 26.76
C GLN B 168 11.22 25.96 25.50
N VAL B 169 10.80 26.60 24.40
CA VAL B 169 11.52 26.49 23.15
C VAL B 169 12.91 27.10 23.30
N LYS B 170 13.00 28.20 24.03
CA LYS B 170 14.28 28.86 24.29
C LYS B 170 15.26 27.89 24.92
N LYS B 171 14.81 27.23 26.00
CA LYS B 171 15.61 26.24 26.68
C LYS B 171 15.98 25.11 25.72
N ALA B 172 14.99 24.63 24.99
CA ALA B 172 15.20 23.53 24.03
C ALA B 172 16.28 23.90 22.99
N LEU B 173 16.25 25.12 22.49
CA LEU B 173 17.25 25.56 21.54
C LEU B 173 18.61 25.56 22.20
N GLU B 174 18.66 25.99 23.46
CA GLU B 174 19.92 26.03 24.19
C GLU B 174 20.54 24.64 24.33
N ILE B 175 19.82 23.69 24.95
CA ILE B 175 20.39 22.37 25.13
C ILE B 175 20.69 21.65 23.83
N THR B 176 19.99 22.00 22.76
CA THR B 176 20.26 21.40 21.46
C THR B 176 21.61 21.91 20.95
N LYS B 177 21.85 23.20 21.10
CA LYS B 177 23.11 23.78 20.68
C LYS B 177 24.26 23.21 21.52
N GLU B 178 23.98 23.00 22.80
CA GLU B 178 24.97 22.46 23.71
C GLU B 178 25.33 21.03 23.35
N LEU B 179 24.33 20.22 23.03
CA LEU B 179 24.58 18.83 22.68
C LEU B 179 25.05 18.64 21.23
N GLY B 180 25.22 19.75 20.52
CA GLY B 180 25.68 19.71 19.15
C GLY B 180 24.72 19.16 18.11
N GLY B 181 23.43 19.44 18.28
CA GLY B 181 22.43 18.97 17.34
C GLY B 181 22.62 19.53 15.94
N GLU B 182 22.30 18.73 14.93
CA GLU B 182 22.41 19.18 13.55
C GLU B 182 21.18 20.00 13.16
N GLY B 183 20.07 19.76 13.87
CA GLY B 183 18.85 20.51 13.59
C GLY B 183 17.93 20.62 14.78
N TYR B 184 16.91 21.45 14.62
CA TYR B 184 15.88 21.63 15.64
C TYR B 184 14.55 21.54 14.91
N VAL B 185 13.69 20.65 15.38
CA VAL B 185 12.41 20.35 14.75
C VAL B 185 11.23 21.02 15.43
N PHE B 186 10.26 21.40 14.62
CA PHE B 186 8.99 21.93 15.10
C PHE B 186 7.88 21.00 14.65
N TRP B 187 7.21 20.34 15.60
CA TRP B 187 6.02 19.57 15.27
C TRP B 187 4.85 20.26 15.96
N GLY B 188 3.99 20.91 15.18
CA GLY B 188 2.86 21.62 15.75
C GLY B 188 1.71 20.71 16.16
N GLY B 189 1.99 19.73 17.01
CA GLY B 189 0.96 18.78 17.41
C GLY B 189 -0.38 19.32 17.85
N ARG B 190 -0.39 20.47 18.50
CA ARG B 190 -1.62 21.11 18.96
C ARG B 190 -1.81 22.43 18.22
N GLU B 191 -0.99 22.68 17.21
CA GLU B 191 -1.10 23.90 16.43
C GLU B 191 -2.05 23.63 15.25
N GLY B 192 -3.33 23.71 15.55
CA GLY B 192 -4.38 23.43 14.59
C GLY B 192 -5.70 23.69 15.26
N TYR B 193 -6.77 23.00 14.88
CA TYR B 193 -8.07 23.20 15.51
C TYR B 193 -8.89 21.91 15.58
N GLU B 194 -9.87 21.89 16.48
CA GLU B 194 -10.78 20.77 16.58
C GLU B 194 -12.13 21.21 16.05
N THR B 195 -12.40 22.52 16.12
CA THR B 195 -13.60 23.13 15.54
C THR B 195 -13.33 24.57 15.15
N LEU B 196 -13.91 24.97 14.01
CA LEU B 196 -13.78 26.35 13.54
C LEU B 196 -14.67 27.30 14.34
N LEU B 197 -15.70 26.76 14.99
CA LEU B 197 -16.63 27.59 15.76
C LEU B 197 -15.95 28.44 16.81
N ASN B 198 -14.92 27.91 17.47
CA ASN B 198 -14.19 28.70 18.47
C ASN B 198 -12.81 29.17 18.00
N THR B 199 -12.57 29.15 16.70
CA THR B 199 -11.24 29.45 16.18
C THR B 199 -11.13 30.72 15.35
N ASP B 200 -10.27 31.62 15.78
CA ASP B 200 -9.96 32.79 14.96
C ASP B 200 -8.74 32.37 14.17
N LEU B 201 -8.98 31.69 13.05
CA LEU B 201 -7.92 31.18 12.18
C LEU B 201 -6.82 32.20 11.92
N GLY B 202 -7.21 33.38 11.44
CA GLY B 202 -6.25 34.42 11.10
C GLY B 202 -5.33 34.82 12.24
N PHE B 203 -5.90 35.01 13.43
CA PHE B 203 -5.13 35.38 14.60
C PHE B 203 -4.11 34.29 14.97
N GLU B 204 -4.58 33.05 15.09
CA GLU B 204 -3.72 31.93 15.44
C GLU B 204 -2.55 31.80 14.48
N LEU B 205 -2.80 31.97 13.17
CA LEU B 205 -1.73 31.88 12.19
C LEU B 205 -0.75 33.03 12.31
N GLU B 206 -1.21 34.17 12.83
CA GLU B 206 -0.32 35.31 13.03
C GLU B 206 0.61 35.07 14.20
N ASN B 207 0.05 34.62 15.31
CA ASN B 207 0.83 34.31 16.52
C ASN B 207 1.83 33.20 16.22
N LEU B 208 1.40 32.22 15.44
CA LEU B 208 2.28 31.13 15.04
C LEU B 208 3.50 31.69 14.32
N ALA B 209 3.29 32.64 13.41
CA ALA B 209 4.38 33.26 12.67
C ALA B 209 5.29 34.11 13.56
N ARG B 210 4.70 34.88 14.48
CA ARG B 210 5.47 35.65 15.45
C ARG B 210 6.39 34.73 16.21
N PHE B 211 5.83 33.61 16.65
CA PHE B 211 6.56 32.61 17.43
C PHE B 211 7.75 32.10 16.63
N LEU B 212 7.48 31.55 15.45
CA LEU B 212 8.52 31.01 14.59
C LEU B 212 9.68 31.98 14.46
N ARG B 213 9.41 33.23 14.12
CA ARG B 213 10.53 34.15 13.96
C ARG B 213 11.21 34.60 15.26
N MET B 214 10.48 34.67 16.36
CA MET B 214 11.13 34.92 17.64
C MET B 214 12.17 33.83 17.86
N ALA B 215 11.78 32.61 17.50
CA ALA B 215 12.66 31.46 17.60
C ALA B 215 13.88 31.61 16.69
N VAL B 216 13.71 32.14 15.47
CA VAL B 216 14.85 32.28 14.57
C VAL B 216 15.78 33.42 14.99
N ASP B 217 15.22 34.42 15.65
CA ASP B 217 15.99 35.57 16.14
C ASP B 217 16.83 35.16 17.33
N TYR B 218 16.28 34.32 18.20
CA TYR B 218 17.00 33.85 19.37
C TYR B 218 18.06 32.82 18.98
N ALA B 219 17.78 32.06 17.92
CA ALA B 219 18.77 31.11 17.42
C ALA B 219 19.99 31.92 17.01
N LYS B 220 19.78 33.09 16.40
CA LYS B 220 20.88 33.99 16.04
C LYS B 220 21.59 34.50 17.30
N ARG B 221 20.81 35.06 18.23
CA ARG B 221 21.36 35.60 19.47
C ARG B 221 22.18 34.61 20.29
N ILE B 222 22.14 33.32 19.94
CA ILE B 222 22.96 32.34 20.66
C ILE B 222 23.92 31.60 19.75
N GLY B 223 24.07 32.07 18.52
CA GLY B 223 24.98 31.41 17.59
C GLY B 223 24.65 29.96 17.32
N PHE B 224 23.36 29.62 17.26
CA PHE B 224 22.93 28.28 16.91
C PHE B 224 23.04 28.12 15.40
N THR B 225 23.62 27.01 14.96
CA THR B 225 23.87 26.79 13.55
C THR B 225 23.10 25.62 12.95
N GLY B 226 22.30 24.94 13.77
CA GLY B 226 21.54 23.81 13.27
C GLY B 226 20.45 24.23 12.29
N GLN B 227 19.98 23.29 11.48
CA GLN B 227 18.91 23.59 10.52
C GLN B 227 17.56 23.53 11.23
N PHE B 228 16.72 24.54 11.00
CA PHE B 228 15.35 24.55 11.52
C PHE B 228 14.49 23.70 10.60
N LEU B 229 13.83 22.71 11.19
CA LEU B 229 13.00 21.80 10.44
C LEU B 229 11.57 21.91 10.91
N ILE B 230 10.64 21.96 9.96
CA ILE B 230 9.23 21.88 10.28
C ILE B 230 8.76 20.50 9.86
N GLU B 231 8.01 19.84 10.73
CA GLU B 231 7.50 18.50 10.47
C GLU B 231 5.99 18.53 10.26
N PRO B 232 5.54 18.46 9.01
CA PRO B 232 4.12 18.51 8.65
C PRO B 232 3.35 17.27 9.10
N LYS B 233 2.07 17.48 9.42
CA LYS B 233 1.15 16.42 9.75
C LYS B 233 -0.25 17.00 9.51
N PRO B 234 -1.12 16.24 8.82
CA PRO B 234 -2.46 16.74 8.51
C PRO B 234 -3.44 16.81 9.66
N LYS B 235 -3.26 15.94 10.66
CA LYS B 235 -4.20 15.84 11.77
C LYS B 235 -3.71 14.84 12.81
N GLU B 236 -4.52 14.61 13.84
CA GLU B 236 -4.19 13.75 14.98
C GLU B 236 -3.00 14.29 15.79
N PRO B 237 -3.23 14.73 17.04
CA PRO B 237 -4.50 14.74 17.76
C PRO B 237 -5.59 15.71 17.25
N THR B 238 -5.21 16.83 16.64
CA THR B 238 -6.20 17.80 16.14
C THR B 238 -7.04 17.28 14.95
N LYS B 239 -8.13 17.98 14.66
CA LYS B 239 -8.98 17.68 13.51
C LYS B 239 -8.28 18.18 12.25
N HIS B 240 -7.66 19.35 12.37
CA HIS B 240 -6.85 19.92 11.29
C HIS B 240 -5.61 20.54 11.91
N GLN B 241 -4.44 20.10 11.46
CA GLN B 241 -3.20 20.66 11.93
C GLN B 241 -2.74 21.66 10.88
N TYR B 242 -2.24 22.80 11.31
CA TYR B 242 -1.91 23.85 10.37
C TYR B 242 -0.89 23.51 9.30
N ASP B 243 0.23 22.90 9.69
CA ASP B 243 1.24 22.46 8.72
C ASP B 243 0.73 21.15 8.14
N PHE B 244 -0.37 21.24 7.39
CA PHE B 244 -1.06 20.08 6.86
C PHE B 244 -0.11 19.19 6.08
N ASP B 245 0.73 19.81 5.24
CA ASP B 245 1.71 19.10 4.43
C ASP B 245 2.75 20.09 3.88
N VAL B 246 3.71 19.59 3.10
CA VAL B 246 4.77 20.42 2.53
C VAL B 246 4.24 21.69 1.90
N ALA B 247 3.35 21.54 0.91
CA ALA B 247 2.82 22.69 0.19
C ALA B 247 2.11 23.68 1.12
N THR B 248 1.29 23.19 2.05
CA THR B 248 0.57 24.05 2.96
C THR B 248 1.53 24.79 3.90
N ALA B 249 2.46 24.08 4.52
CA ALA B 249 3.43 24.68 5.42
C ALA B 249 4.26 25.68 4.63
N TYR B 250 4.67 25.29 3.43
CA TYR B 250 5.45 26.19 2.58
C TYR B 250 4.69 27.48 2.35
N ALA B 251 3.43 27.35 1.99
CA ALA B 251 2.55 28.49 1.75
C ALA B 251 2.57 29.45 2.93
N PHE B 252 2.49 28.93 4.15
CA PHE B 252 2.49 29.76 5.35
C PHE B 252 3.84 30.44 5.56
N LEU B 253 4.93 29.70 5.37
CA LEU B 253 6.27 30.26 5.53
C LEU B 253 6.50 31.35 4.50
N LYS B 254 6.40 30.97 3.24
CA LYS B 254 6.57 31.90 2.13
C LYS B 254 5.69 33.14 2.33
N SER B 255 4.46 32.92 2.77
CA SER B 255 3.49 33.98 3.00
C SER B 255 3.94 34.98 4.07
N HIS B 256 4.72 34.51 5.03
CA HIS B 256 5.17 35.35 6.14
C HIS B 256 6.67 35.65 6.13
N GLY B 257 7.35 35.33 5.04
CA GLY B 257 8.78 35.57 4.93
C GLY B 257 9.69 34.72 5.80
N LEU B 258 9.22 33.56 6.25
CA LEU B 258 10.00 32.68 7.11
C LEU B 258 10.67 31.52 6.37
N ASP B 259 10.36 31.35 5.09
CA ASP B 259 10.80 30.19 4.33
C ASP B 259 12.30 29.99 4.16
N GLU B 260 13.05 31.07 4.01
CA GLU B 260 14.49 31.01 3.87
C GLU B 260 15.18 30.31 5.05
N TYR B 261 14.51 30.28 6.21
CA TYR B 261 15.10 29.73 7.43
C TYR B 261 14.74 28.28 7.73
N PHE B 262 13.80 27.72 6.98
CA PHE B 262 13.28 26.40 7.28
C PHE B 262 13.41 25.36 6.18
N LYS B 263 13.46 24.10 6.60
CA LYS B 263 13.40 22.96 5.70
C LYS B 263 12.44 21.97 6.35
N PHE B 264 12.09 20.90 5.65
CA PHE B 264 11.08 19.98 6.15
C PHE B 264 11.64 18.64 6.61
N ASN B 265 11.05 18.11 7.67
CA ASN B 265 11.36 16.78 8.18
C ASN B 265 10.11 16.00 7.79
N ILE B 266 10.23 15.16 6.75
CA ILE B 266 9.08 14.43 6.21
C ILE B 266 8.93 13.05 6.82
N GLU B 267 7.72 12.74 7.25
CA GLU B 267 7.43 11.44 7.84
C GLU B 267 6.47 10.66 6.95
N ALA B 268 6.82 9.41 6.65
CA ALA B 268 5.99 8.59 5.78
C ALA B 268 4.52 8.59 6.19
N ASN B 269 4.23 8.24 7.44
CA ASN B 269 2.85 8.10 7.91
C ASN B 269 2.07 9.40 7.85
N HIS B 270 2.77 10.53 7.97
CA HIS B 270 2.12 11.82 7.91
C HIS B 270 1.70 12.12 6.48
N ALA B 271 2.59 11.79 5.54
CA ALA B 271 2.36 11.99 4.12
C ALA B 271 1.10 11.27 3.69
N THR B 272 0.98 10.00 4.06
CA THR B 272 -0.13 9.16 3.63
C THR B 272 -1.44 9.49 4.33
N LEU B 273 -1.35 10.09 5.50
CA LEU B 273 -2.54 10.45 6.26
C LEU B 273 -3.18 11.69 5.63
N ALA B 274 -2.36 12.50 4.97
CA ALA B 274 -2.81 13.71 4.24
C ALA B 274 -3.26 13.37 2.82
N GLY B 275 -3.30 12.08 2.50
CA GLY B 275 -3.70 11.65 1.18
C GLY B 275 -2.59 11.70 0.14
N HIS B 276 -1.35 11.80 0.59
CA HIS B 276 -0.22 11.80 -0.34
C HIS B 276 0.61 10.54 -0.16
N THR B 277 1.43 10.22 -1.16
CA THR B 277 2.38 9.11 -1.03
C THR B 277 3.63 9.71 -0.38
N PHE B 278 4.44 8.86 0.22
CA PHE B 278 5.69 9.29 0.82
C PHE B 278 6.55 9.99 -0.25
N GLN B 279 6.68 9.36 -1.42
CA GLN B 279 7.51 9.92 -2.49
C GLN B 279 7.04 11.31 -2.88
N HIS B 280 5.74 11.49 -3.06
CA HIS B 280 5.16 12.78 -3.45
C HIS B 280 5.67 13.90 -2.56
N GLU B 281 5.58 13.66 -1.26
CA GLU B 281 5.93 14.65 -0.27
C GLU B 281 7.42 14.96 -0.28
N LEU B 282 8.22 13.92 -0.51
CA LEU B 282 9.67 14.07 -0.64
C LEU B 282 10.04 14.89 -1.89
N ARG B 283 9.43 14.57 -3.03
CA ARG B 283 9.67 15.30 -4.28
C ARG B 283 9.34 16.78 -4.15
N MET B 284 8.18 17.07 -3.55
CA MET B 284 7.77 18.46 -3.31
C MET B 284 8.83 19.20 -2.51
N ALA B 285 9.20 18.62 -1.36
CA ALA B 285 10.23 19.17 -0.50
C ALA B 285 11.49 19.41 -1.32
N ARG B 286 11.82 18.44 -2.16
CA ARG B 286 13.02 18.50 -2.99
C ARG B 286 13.07 19.64 -4.00
N ILE B 287 12.02 19.78 -4.82
CA ILE B 287 12.00 20.85 -5.82
C ILE B 287 11.91 22.24 -5.16
N LEU B 288 11.39 22.29 -3.94
CA LEU B 288 11.38 23.53 -3.16
C LEU B 288 12.78 23.75 -2.54
N GLY B 289 13.62 22.72 -2.59
CA GLY B 289 14.95 22.81 -2.02
C GLY B 289 14.95 22.67 -0.49
N LYS B 290 13.91 22.07 0.06
CA LYS B 290 13.80 21.94 1.50
C LYS B 290 13.58 20.52 1.98
N LEU B 291 14.24 19.57 1.32
CA LEU B 291 14.21 18.19 1.80
C LEU B 291 15.25 18.12 2.91
N GLY B 292 14.80 18.44 4.13
CA GLY B 292 15.71 18.49 5.26
C GLY B 292 16.11 17.16 5.86
N SER B 293 15.13 16.42 6.37
CA SER B 293 15.42 15.17 7.05
C SER B 293 14.20 14.27 6.91
N ILE B 294 14.32 13.02 7.33
CA ILE B 294 13.23 12.06 7.23
C ILE B 294 12.98 11.31 8.53
N ASP B 295 11.71 11.16 8.89
CA ASP B 295 11.31 10.28 9.98
C ASP B 295 10.89 9.00 9.29
N ALA B 296 11.71 7.98 9.44
CA ALA B 296 11.49 6.71 8.76
C ALA B 296 10.56 5.76 9.49
N ASN B 297 9.28 5.81 9.13
CA ASN B 297 8.32 4.81 9.59
C ASN B 297 7.47 4.36 8.40
N GLN B 298 6.36 3.71 8.69
CA GLN B 298 5.46 3.22 7.66
C GLN B 298 4.07 3.12 8.28
N GLY B 299 3.09 3.78 7.68
CA GLY B 299 1.74 3.68 8.18
C GLY B 299 0.96 2.53 7.53
N ASP B 300 -0.28 2.33 7.98
CA ASP B 300 -1.15 1.33 7.37
C ASP B 300 -2.20 2.14 6.61
N LEU B 301 -2.19 2.03 5.28
CA LEU B 301 -3.08 2.78 4.42
C LEU B 301 -4.56 2.49 4.59
N LEU B 302 -4.88 1.35 5.20
CA LEU B 302 -6.28 1.01 5.43
C LEU B 302 -6.78 1.47 6.81
N LEU B 303 -5.89 2.15 7.57
CA LEU B 303 -6.23 2.70 8.88
C LEU B 303 -6.08 4.23 8.90
N GLY B 304 -7.04 4.90 9.52
CA GLY B 304 -7.03 6.35 9.54
C GLY B 304 -6.23 7.05 10.62
N TRP B 305 -5.34 6.36 11.33
CA TRP B 305 -4.52 6.99 12.38
C TRP B 305 -3.04 6.60 12.20
N ASP B 306 -2.10 7.34 12.81
CA ASP B 306 -0.67 6.97 12.66
C ASP B 306 -0.47 5.63 13.36
N THR B 307 -0.04 4.63 12.60
CA THR B 307 0.34 3.36 13.17
C THR B 307 1.81 3.39 13.61
N ASP B 308 2.61 4.25 12.99
CA ASP B 308 4.04 4.38 13.30
C ASP B 308 4.84 3.06 13.34
N GLN B 309 4.67 2.24 12.32
CA GLN B 309 5.33 0.95 12.21
C GLN B 309 6.75 1.06 11.66
N PHE B 310 7.58 0.05 11.91
CA PHE B 310 8.92 0.01 11.34
C PHE B 310 8.77 -0.30 9.86
N PRO B 311 9.49 0.43 9.02
CA PRO B 311 9.44 0.27 7.56
C PRO B 311 9.97 -1.08 7.08
N THR B 312 9.11 -1.91 6.49
CA THR B 312 9.53 -3.21 6.00
C THR B 312 9.12 -3.45 4.54
N ASN B 313 9.00 -2.37 3.78
CA ASN B 313 8.53 -2.43 2.40
C ASN B 313 9.55 -1.81 1.43
N VAL B 314 10.20 -2.65 0.60
CA VAL B 314 11.25 -2.17 -0.29
C VAL B 314 10.80 -1.20 -1.37
N TYR B 315 9.54 -1.28 -1.80
CA TYR B 315 9.02 -0.32 -2.78
C TYR B 315 9.08 1.09 -2.18
N ASP B 316 8.62 1.25 -0.95
CA ASP B 316 8.61 2.55 -0.30
C ASP B 316 10.01 3.11 -0.05
N THR B 317 10.88 2.26 0.49
CA THR B 317 12.23 2.68 0.80
C THR B 317 13.00 3.05 -0.48
N THR B 318 12.72 2.33 -1.57
CA THR B 318 13.35 2.63 -2.83
C THR B 318 12.95 4.00 -3.37
N LEU B 319 11.65 4.26 -3.50
CA LEU B 319 11.19 5.55 -4.00
C LEU B 319 11.59 6.70 -3.07
N ALA B 320 11.59 6.45 -1.77
CA ALA B 320 11.99 7.47 -0.80
C ALA B 320 13.45 7.81 -1.02
N MET B 321 14.30 6.79 -0.98
CA MET B 321 15.74 6.98 -1.12
C MET B 321 16.12 7.59 -2.47
N TYR B 322 15.38 7.22 -3.50
CA TYR B 322 15.57 7.78 -4.83
C TYR B 322 15.49 9.30 -4.77
N GLU B 323 14.56 9.82 -3.99
CA GLU B 323 14.41 11.25 -3.87
C GLU B 323 15.61 11.87 -3.12
N VAL B 324 16.08 11.20 -2.08
CA VAL B 324 17.21 11.70 -1.28
C VAL B 324 18.46 11.76 -2.14
N ILE B 325 18.77 10.66 -2.81
CA ILE B 325 19.92 10.61 -3.69
C ILE B 325 19.85 11.76 -4.72
N LYS B 326 18.67 11.97 -5.31
CA LYS B 326 18.49 13.03 -6.31
C LYS B 326 18.61 14.42 -5.71
N ALA B 327 18.32 14.54 -4.41
CA ALA B 327 18.45 15.81 -3.69
C ALA B 327 19.91 16.05 -3.34
N GLY B 328 20.70 14.99 -3.42
CA GLY B 328 22.13 15.11 -3.15
C GLY B 328 22.53 14.45 -1.85
N GLY B 329 21.66 13.59 -1.31
CA GLY B 329 21.93 12.94 -0.05
C GLY B 329 21.70 13.90 1.11
N PHE B 330 21.85 13.40 2.31
CA PHE B 330 21.63 14.22 3.49
C PHE B 330 22.73 15.24 3.77
N THR B 331 22.36 16.34 4.39
CA THR B 331 23.33 17.30 4.87
C THR B 331 23.20 17.27 6.38
N LYS B 332 22.29 18.08 6.91
CA LYS B 332 22.06 18.11 8.35
C LYS B 332 20.77 17.36 8.69
N GLY B 333 20.69 16.11 8.27
CA GLY B 333 19.51 15.31 8.57
C GLY B 333 19.77 13.84 8.34
N GLY B 334 18.77 12.99 8.54
CA GLY B 334 18.98 11.57 8.34
C GLY B 334 17.70 10.77 8.54
N LEU B 335 17.85 9.46 8.70
CA LEU B 335 16.70 8.60 8.84
C LEU B 335 16.43 8.29 10.30
N ASN B 336 15.72 9.20 10.97
CA ASN B 336 15.33 9.01 12.36
C ASN B 336 14.19 8.01 12.40
N PHE B 337 14.35 6.92 13.16
CA PHE B 337 13.30 5.92 13.24
C PHE B 337 12.17 6.32 14.18
N ASP B 338 11.34 7.23 13.69
CA ASP B 338 10.16 7.64 14.43
C ASP B 338 9.10 6.55 14.27
N ALA B 339 9.42 5.38 14.78
CA ALA B 339 8.53 4.21 14.68
C ALA B 339 8.54 3.52 16.04
N LYS B 340 7.62 2.58 16.24
CA LYS B 340 7.50 1.88 17.51
C LYS B 340 7.05 0.43 17.28
N VAL B 341 7.35 -0.44 18.25
CA VAL B 341 6.98 -1.84 18.14
C VAL B 341 5.48 -1.99 18.34
N ARG B 342 4.91 -3.04 17.74
CA ARG B 342 3.49 -3.32 17.94
C ARG B 342 3.32 -3.61 19.42
N ARG B 343 2.13 -3.33 19.96
CA ARG B 343 1.87 -3.52 21.38
C ARG B 343 2.22 -4.94 21.85
N ALA B 344 1.93 -5.92 21.00
CA ALA B 344 2.19 -7.32 21.30
C ALA B 344 3.67 -7.73 21.12
N SER B 345 4.44 -6.90 20.43
CA SER B 345 5.87 -7.13 20.32
C SER B 345 6.49 -6.42 21.54
N TYR B 346 6.15 -6.94 22.72
CA TYR B 346 6.50 -6.29 23.98
C TYR B 346 7.84 -6.68 24.60
N LYS B 347 8.52 -7.67 24.03
CA LYS B 347 9.81 -8.10 24.59
C LYS B 347 10.97 -7.23 24.11
N VAL B 348 12.00 -7.11 24.95
CA VAL B 348 13.15 -6.26 24.65
C VAL B 348 13.84 -6.53 23.30
N GLU B 349 13.82 -7.79 22.88
CA GLU B 349 14.46 -8.25 21.67
C GLU B 349 13.70 -7.74 20.46
N ASP B 350 12.40 -7.49 20.65
CA ASP B 350 11.58 -6.94 19.58
C ASP B 350 11.96 -5.51 19.25
N LEU B 351 12.44 -4.76 20.24
CA LEU B 351 12.94 -3.42 19.98
C LEU B 351 14.09 -3.50 18.99
N PHE B 352 14.95 -4.49 19.21
CA PHE B 352 16.11 -4.68 18.38
C PHE B 352 15.69 -5.20 17.02
N ILE B 353 14.88 -6.26 17.02
CA ILE B 353 14.38 -6.84 15.79
C ILE B 353 13.70 -5.79 14.90
N GLY B 354 12.84 -4.97 15.51
CA GLY B 354 12.17 -3.91 14.78
C GLY B 354 13.16 -2.96 14.13
N HIS B 355 14.11 -2.45 14.88
CA HIS B 355 15.09 -1.51 14.32
C HIS B 355 15.97 -2.13 13.23
N ILE B 356 16.31 -3.40 13.38
CA ILE B 356 17.14 -4.08 12.39
C ILE B 356 16.36 -4.17 11.08
N ALA B 357 15.10 -4.61 11.17
CA ALA B 357 14.24 -4.72 10.00
C ALA B 357 14.17 -3.39 9.24
N GLY B 358 13.95 -2.30 9.95
CA GLY B 358 13.88 -1.00 9.30
C GLY B 358 15.17 -0.63 8.61
N MET B 359 16.29 -0.91 9.27
CA MET B 359 17.59 -0.57 8.71
C MET B 359 17.91 -1.39 7.47
N ASP B 360 17.58 -2.68 7.50
CA ASP B 360 17.79 -3.54 6.34
C ASP B 360 16.99 -3.04 5.13
N THR B 361 15.69 -2.84 5.35
CA THR B 361 14.78 -2.37 4.32
C THR B 361 15.25 -1.05 3.73
N PHE B 362 15.64 -0.11 4.59
CA PHE B 362 16.13 1.16 4.06
C PHE B 362 17.48 1.02 3.36
N ALA B 363 18.32 0.10 3.83
CA ALA B 363 19.63 -0.11 3.22
C ALA B 363 19.44 -0.68 1.81
N LEU B 364 18.66 -1.75 1.72
CA LEU B 364 18.39 -2.39 0.43
C LEU B 364 17.76 -1.38 -0.54
N GLY B 365 16.77 -0.63 -0.06
CA GLY B 365 16.09 0.36 -0.87
C GLY B 365 17.07 1.39 -1.40
N PHE B 366 17.98 1.83 -0.53
CA PHE B 366 19.02 2.77 -0.92
C PHE B 366 19.84 2.20 -2.09
N LYS B 367 20.13 0.91 -2.01
CA LYS B 367 20.93 0.27 -3.05
C LYS B 367 20.17 0.16 -4.37
N VAL B 368 18.88 -0.15 -4.31
CA VAL B 368 18.05 -0.22 -5.51
C VAL B 368 17.96 1.16 -6.16
N ALA B 369 17.73 2.18 -5.34
CA ALA B 369 17.63 3.54 -5.84
C ALA B 369 18.95 4.00 -6.42
N TYR B 370 20.05 3.55 -5.80
CA TYR B 370 21.38 3.90 -6.27
C TYR B 370 21.59 3.40 -7.70
N LYS B 371 21.16 2.19 -8.00
CA LYS B 371 21.24 1.68 -9.37
C LYS B 371 20.34 2.44 -10.33
N LEU B 372 19.06 2.59 -9.97
CA LEU B 372 18.12 3.36 -10.77
C LEU B 372 18.76 4.69 -11.18
N VAL B 373 19.34 5.38 -10.20
CA VAL B 373 19.94 6.69 -10.44
C VAL B 373 21.20 6.63 -11.27
N LYS B 374 22.00 5.57 -11.09
CA LYS B 374 23.25 5.44 -11.82
C LYS B 374 23.01 5.10 -13.30
N ASP B 375 22.27 4.02 -13.55
CA ASP B 375 21.91 3.64 -14.92
C ASP B 375 21.09 4.76 -15.58
N GLY B 376 20.57 5.66 -14.75
CA GLY B 376 19.77 6.77 -15.24
C GLY B 376 18.54 6.34 -16.03
N VAL B 377 18.07 5.12 -15.79
CA VAL B 377 16.96 4.55 -16.55
C VAL B 377 15.69 5.41 -16.57
N LEU B 378 15.28 5.93 -15.42
CA LEU B 378 14.10 6.80 -15.37
C LEU B 378 14.36 8.17 -15.97
N ASP B 379 15.53 8.74 -15.70
CA ASP B 379 15.87 10.08 -16.19
C ASP B 379 15.90 10.16 -17.72
N LYS B 380 16.25 9.05 -18.38
CA LYS B 380 16.27 9.03 -19.83
C LYS B 380 14.86 9.03 -20.38
N PHE B 381 14.01 8.16 -19.85
CA PHE B 381 12.61 8.14 -20.29
C PHE B 381 11.96 9.53 -20.18
N ILE B 382 12.23 10.22 -19.06
CA ILE B 382 11.68 11.54 -18.81
C ILE B 382 12.24 12.58 -19.77
N GLU B 383 13.55 12.52 -20.01
CA GLU B 383 14.22 13.41 -20.97
C GLU B 383 13.61 13.25 -22.37
N GLU B 384 13.30 12.00 -22.74
CA GLU B 384 12.69 11.72 -24.03
C GLU B 384 11.22 12.15 -24.06
N LYS B 385 10.52 11.97 -22.95
CA LYS B 385 9.10 12.31 -22.85
C LYS B 385 8.80 13.81 -23.05
N TYR B 386 9.66 14.69 -22.56
CA TYR B 386 9.45 16.15 -22.66
C TYR B 386 10.33 16.79 -23.74
N ARG B 387 10.78 15.95 -24.65
CA ARG B 387 11.67 16.31 -25.75
C ARG B 387 11.24 17.53 -26.55
N SER B 388 9.97 17.62 -26.92
CA SER B 388 9.48 18.72 -27.75
C SER B 388 9.68 20.10 -27.16
N PHE B 389 10.03 20.18 -25.89
CA PHE B 389 10.26 21.49 -25.29
C PHE B 389 11.70 21.96 -25.49
N ARG B 390 12.50 21.10 -26.12
CA ARG B 390 13.88 21.45 -26.47
C ARG B 390 13.93 21.94 -27.93
N GLU B 391 13.23 21.24 -28.82
CA GLU B 391 13.15 21.62 -30.23
C GLU B 391 12.06 22.69 -30.49
N GLY B 392 12.06 23.22 -31.71
CA GLY B 392 11.04 24.16 -32.18
C GLY B 392 10.35 25.16 -31.26
N ILE B 393 9.05 25.30 -31.46
CA ILE B 393 8.20 26.22 -30.70
C ILE B 393 8.28 25.89 -29.20
N GLY B 394 8.50 24.61 -28.89
CA GLY B 394 8.66 24.20 -27.51
C GLY B 394 9.66 25.08 -26.76
N ARG B 395 10.86 25.23 -27.33
CA ARG B 395 11.88 26.07 -26.71
C ARG B 395 11.46 27.53 -26.69
N ASP B 396 10.80 27.98 -27.75
CA ASP B 396 10.34 29.37 -27.82
C ASP B 396 9.46 29.62 -26.60
N ILE B 397 8.61 28.64 -26.30
CA ILE B 397 7.71 28.70 -25.15
C ILE B 397 8.50 28.84 -23.86
N VAL B 398 9.37 27.87 -23.58
CA VAL B 398 10.18 27.87 -22.38
C VAL B 398 11.01 29.16 -22.20
N GLU B 399 11.69 29.58 -23.27
CA GLU B 399 12.52 30.77 -23.23
C GLU B 399 11.67 32.05 -23.06
N GLY B 400 10.42 32.00 -23.50
CA GLY B 400 9.53 33.14 -23.33
C GLY B 400 9.43 34.03 -24.54
N LYS B 401 9.69 33.48 -25.72
CA LYS B 401 9.59 34.22 -26.97
C LYS B 401 8.15 34.23 -27.47
N VAL B 402 7.38 33.26 -27.00
CA VAL B 402 5.99 33.08 -27.42
C VAL B 402 4.95 33.76 -26.52
N ASP B 403 3.78 34.02 -27.10
CA ASP B 403 2.60 34.51 -26.38
C ASP B 403 1.37 33.78 -26.96
N PHE B 404 0.18 34.05 -26.45
CA PHE B 404 -1.05 33.39 -26.92
C PHE B 404 -1.27 33.62 -28.40
N GLU B 405 -1.06 34.85 -28.84
CA GLU B 405 -1.29 35.21 -30.23
C GLU B 405 -0.38 34.43 -31.17
N LYS B 406 0.91 34.40 -30.88
CA LYS B 406 1.85 33.63 -31.68
C LYS B 406 1.55 32.13 -31.60
N LEU B 407 1.05 31.68 -30.45
CA LEU B 407 0.69 30.28 -30.28
C LEU B 407 -0.56 29.93 -31.06
N GLU B 408 -1.50 30.88 -31.14
CA GLU B 408 -2.71 30.66 -31.93
C GLU B 408 -2.31 30.52 -33.40
N GLU B 409 -1.42 31.41 -33.85
CA GLU B 409 -0.93 31.39 -35.23
C GLU B 409 -0.30 30.04 -35.56
N TYR B 410 0.64 29.60 -34.73
CA TYR B 410 1.32 28.32 -34.92
C TYR B 410 0.37 27.13 -35.00
N ILE B 411 -0.67 27.15 -34.18
CA ILE B 411 -1.53 25.99 -34.02
C ILE B 411 -2.89 26.03 -34.73
N ILE B 412 -3.32 27.23 -35.14
CA ILE B 412 -4.64 27.44 -35.74
C ILE B 412 -5.11 26.38 -36.73
N ASP B 413 -4.21 25.83 -37.53
CA ASP B 413 -4.57 24.84 -38.55
C ASP B 413 -4.08 23.40 -38.37
N LYS B 414 -3.23 23.16 -37.38
CA LYS B 414 -2.71 21.81 -37.15
C LYS B 414 -3.87 20.84 -36.86
N GLU B 415 -4.00 19.82 -37.70
CA GLU B 415 -5.08 18.83 -37.57
C GLU B 415 -4.81 17.78 -36.49
N THR B 416 -3.79 16.95 -36.68
CA THR B 416 -3.48 15.91 -35.69
C THR B 416 -2.19 16.20 -34.91
N ILE B 417 -2.24 15.90 -33.63
CA ILE B 417 -1.12 16.12 -32.73
C ILE B 417 -0.69 14.75 -32.21
N GLU B 418 0.61 14.45 -32.33
CA GLU B 418 1.14 13.15 -31.91
C GLU B 418 1.56 13.14 -30.43
N LEU B 419 1.12 12.11 -29.71
CA LEU B 419 1.40 11.98 -28.28
C LEU B 419 2.11 10.69 -27.89
N PRO B 420 3.01 10.76 -26.90
CA PRO B 420 3.72 9.57 -26.44
C PRO B 420 2.84 8.79 -25.49
N SER B 421 3.07 7.48 -25.39
CA SER B 421 2.40 6.67 -24.38
C SER B 421 2.99 7.10 -23.02
N GLY B 422 2.27 6.82 -21.95
CA GLY B 422 2.75 7.20 -20.63
C GLY B 422 3.67 6.15 -20.07
N LYS B 423 3.50 4.91 -20.54
CA LYS B 423 4.33 3.77 -20.17
C LYS B 423 4.34 3.39 -18.68
N GLN B 424 3.35 3.83 -17.92
CA GLN B 424 3.31 3.51 -16.49
C GLN B 424 3.48 2.03 -16.18
N GLU B 425 2.73 1.17 -16.88
CA GLU B 425 2.88 -0.27 -16.66
C GLU B 425 4.31 -0.71 -16.92
N TYR B 426 4.96 -0.09 -17.89
CA TYR B 426 6.34 -0.40 -18.20
C TYR B 426 7.28 0.05 -17.08
N LEU B 427 7.23 1.33 -16.72
CA LEU B 427 8.08 1.86 -15.66
C LEU B 427 7.99 1.05 -14.34
N GLU B 428 6.79 0.62 -13.99
CA GLU B 428 6.61 -0.13 -12.76
C GLU B 428 7.30 -1.49 -12.82
N SER B 429 7.19 -2.16 -13.96
CA SER B 429 7.87 -3.44 -14.11
C SER B 429 9.38 -3.21 -13.96
N LEU B 430 9.85 -2.04 -14.41
CA LEU B 430 11.25 -1.69 -14.26
C LEU B 430 11.71 -1.69 -12.82
N ILE B 431 10.93 -1.06 -11.95
CA ILE B 431 11.27 -1.02 -10.53
C ILE B 431 11.44 -2.46 -10.03
N ASN B 432 10.63 -3.38 -10.54
CA ASN B 432 10.76 -4.77 -10.16
C ASN B 432 12.06 -5.38 -10.67
N SER B 433 12.43 -5.04 -11.90
CA SER B 433 13.67 -5.55 -12.45
C SER B 433 14.88 -5.06 -11.69
N TYR B 434 14.89 -3.80 -11.29
CA TYR B 434 16.00 -3.30 -10.51
C TYR B 434 16.05 -3.87 -9.09
N ILE B 435 14.90 -4.25 -8.55
CA ILE B 435 14.92 -4.90 -7.26
C ILE B 435 15.61 -6.26 -7.42
N VAL B 436 15.27 -6.96 -8.50
CA VAL B 436 15.88 -8.27 -8.79
C VAL B 436 17.37 -8.12 -9.11
N LYS B 437 17.72 -7.13 -9.93
CA LYS B 437 19.12 -6.87 -10.30
C LYS B 437 19.99 -6.68 -9.06
N THR B 438 19.57 -5.77 -8.20
CA THR B 438 20.31 -5.41 -6.98
C THR B 438 20.49 -6.60 -6.04
N ILE B 439 19.43 -7.37 -5.85
CA ILE B 439 19.49 -8.54 -4.99
C ILE B 439 20.56 -9.51 -5.45
N LEU B 440 20.72 -9.67 -6.76
CA LEU B 440 21.73 -10.55 -7.33
C LEU B 440 23.16 -10.07 -7.07
N GLU B 441 23.34 -8.77 -6.86
CA GLU B 441 24.66 -8.20 -6.58
C GLU B 441 24.91 -8.07 -5.07
N LEU B 442 23.97 -8.59 -4.29
CA LEU B 442 24.05 -8.51 -2.84
C LEU B 442 24.96 -9.58 -2.24
N ARG B 443 25.69 -9.20 -1.21
CA ARG B 443 26.58 -10.12 -0.51
C ARG B 443 25.83 -10.69 0.69
CO CO C . -14.25 -8.16 -11.39
CO CO D . -13.68 -4.19 -10.30
CO CO E . -7.39 -11.31 -40.44
CO CO F . 7.82 12.40 13.54
CO CO G . 4.13 10.52 13.48
CO CO H . 25.02 -0.47 34.49
#